data_5FK9
#
_entry.id   5FK9
#
_cell.length_a   114.340
_cell.length_b   150.440
_cell.length_c   39.690
_cell.angle_alpha   90.00
_cell.angle_beta   90.00
_cell.angle_gamma   90.00
#
_symmetry.space_group_name_H-M   'P 21 21 2'
#
loop_
_entity.id
_entity.type
_entity.pdbx_description
1 polymer 'T CELL RECEPTOR ALPHA CHAIN'
2 polymer 'T CELL RECEPTOR BETA CHAIN'
3 polymer 'ENTEROTOXIN TYPE A'
4 water water
#
loop_
_entity_poly.entity_id
_entity_poly.type
_entity_poly.pdbx_seq_one_letter_code
_entity_poly.pdbx_strand_id
1 'polypeptide(L)'
;MGIQVEQSPPDLILQEGANSTLRCNFSDSVNNLQWFHQNPWGQLINLFYIPSGTKQNGRLSATTVATERYSLLYISSSQT
TDSGVYFCAVDSATSGTYKYIFGTGTRLKVLANIQNPDPAVYQLRDSKSSDKSVCLFTDFDSQTNVSQSKDSDVYITDKC
VLDMRSMDFKSNSAVAWSNKSDFACANAFNNSIIPEDTFFPSPESS
;
A
2 'polypeptide(L)'
;MDTGVSQNPRHKITKRGQNVTFRCDPISEHNRLYWYRQTLGQGPEFLTYFQNEAQLEKSRLLSDRFSAERPKGSFSTLEI
QRTEQGDSAMYLCASSLGGYEQYFGPGTRLTVTEDLKNVFPPEVAVFVPSEAEISHTQKATLVCLATGFYPDHVELSWWV
NGKEVHSGVCTDPQPLKEQPALNDSRYALSSRLRVSATFWQDPRNHFRCQVQFYGLSENDEWTQDRAKPVTQIVSAEAWG
RAD
;
B
3 'polypeptide(L)'
;SEKSEEINEKDLRKKSELQGTALGNLKQIYYYNEKAKTENKESHDQALQHTILFKGFFTDHSWYNDLLVDFDSKDIVDKY
KGKKVDLYGAYYGYQCAGGTPNKTACMYGGVTLHDNNRLTEEKKVPINLWLDGKQNTVPLETVKTNKKNVTVQELDLQAR
RYLQEKYNLYNSDVFDGKVQRGLIVFHTSTEPSVNYDLFGAQGQYSNTLLRIYRDNKTINSENMHIDIYLYTS
;
C
#
# COMPACT_ATOMS: atom_id res chain seq x y z
N MET A 1 15.57 -0.33 -15.72
CA MET A 1 14.55 0.65 -16.11
C MET A 1 13.66 0.15 -17.24
N GLY A 2 14.24 -0.57 -18.19
CA GLY A 2 13.54 -1.11 -19.35
C GLY A 2 13.26 -2.60 -19.29
N ILE A 3 11.98 -2.96 -19.12
CA ILE A 3 11.49 -4.35 -19.07
C ILE A 3 10.04 -4.40 -19.55
N GLN A 4 9.79 -5.10 -20.67
CA GLN A 4 8.47 -5.22 -21.28
C GLN A 4 7.86 -6.61 -21.07
N VAL A 5 6.62 -6.64 -20.54
CA VAL A 5 5.88 -7.88 -20.25
C VAL A 5 4.46 -7.82 -20.83
N GLU A 6 4.09 -8.85 -21.61
CA GLU A 6 2.76 -8.99 -22.21
C GLU A 6 2.18 -10.37 -21.85
N GLN A 7 1.03 -10.38 -21.15
CA GLN A 7 0.35 -11.59 -20.73
C GLN A 7 -0.74 -12.00 -21.72
N SER A 8 -0.73 -13.28 -22.12
CA SER A 8 -1.70 -13.85 -23.07
C SER A 8 -2.46 -15.02 -22.45
N PRO A 9 -3.81 -15.08 -22.54
CA PRO A 9 -4.73 -14.12 -23.18
C PRO A 9 -5.12 -12.94 -22.29
N PRO A 10 -5.52 -11.76 -22.85
CA PRO A 10 -5.91 -10.63 -21.98
C PRO A 10 -7.18 -10.89 -21.18
N ASP A 11 -8.14 -11.63 -21.78
CA ASP A 11 -9.42 -12.00 -21.17
C ASP A 11 -9.70 -13.49 -21.38
N LEU A 12 -10.20 -14.17 -20.33
CA LEU A 12 -10.49 -15.60 -20.39
C LEU A 12 -11.89 -15.92 -19.84
N ILE A 13 -12.73 -16.53 -20.70
CA ILE A 13 -14.10 -16.96 -20.37
C ILE A 13 -14.14 -18.49 -20.35
N LEU A 14 -14.34 -19.06 -19.15
CA LEU A 14 -14.32 -20.52 -18.95
C LEU A 14 -15.47 -21.04 -18.08
N GLN A 15 -15.95 -22.25 -18.41
CA GLN A 15 -17.02 -22.94 -17.68
C GLN A 15 -16.50 -23.55 -16.37
N GLU A 16 -17.42 -23.90 -15.45
CA GLU A 16 -17.08 -24.48 -14.15
C GLU A 16 -16.50 -25.88 -14.27
N GLY A 17 -15.38 -26.11 -13.59
CA GLY A 17 -14.65 -27.38 -13.57
C GLY A 17 -13.73 -27.63 -14.74
N ALA A 18 -13.62 -26.66 -15.66
CA ALA A 18 -12.78 -26.76 -16.87
C ALA A 18 -11.33 -26.32 -16.64
N ASN A 19 -10.42 -26.77 -17.53
CA ASN A 19 -8.99 -26.47 -17.48
C ASN A 19 -8.61 -25.31 -18.42
N SER A 20 -7.58 -24.53 -18.05
CA SER A 20 -7.08 -23.39 -18.82
C SER A 20 -5.60 -23.10 -18.56
N THR A 21 -4.88 -22.60 -19.58
CA THR A 21 -3.46 -22.25 -19.50
C THR A 21 -3.20 -20.81 -19.96
N LEU A 22 -2.75 -19.96 -19.03
CA LEU A 22 -2.42 -18.55 -19.27
C LEU A 22 -0.92 -18.35 -19.20
N ARG A 23 -0.35 -17.61 -20.18
CA ARG A 23 1.10 -17.40 -20.27
C ARG A 23 1.54 -15.94 -20.08
N CYS A 24 2.80 -15.77 -19.64
CA CYS A 24 3.46 -14.49 -19.39
C CYS A 24 4.80 -14.46 -20.14
N ASN A 25 4.93 -13.53 -21.10
CA ASN A 25 6.14 -13.36 -21.90
C ASN A 25 6.95 -12.14 -21.46
N PHE A 26 8.29 -12.22 -21.57
CA PHE A 26 9.19 -11.13 -21.18
C PHE A 26 10.36 -10.95 -22.16
N SER A 27 10.79 -9.68 -22.34
CA SER A 27 11.86 -9.29 -23.27
C SER A 27 13.28 -9.72 -22.82
N ASP A 28 13.86 -9.05 -21.81
CA ASP A 28 15.20 -9.32 -21.30
C ASP A 28 15.29 -10.57 -20.43
N SER A 29 16.54 -11.01 -20.09
CA SER A 29 16.82 -12.16 -19.24
C SER A 29 16.34 -11.87 -17.82
N VAL A 30 15.72 -12.86 -17.16
CA VAL A 30 15.11 -12.70 -15.84
C VAL A 30 15.63 -13.73 -14.81
N ASN A 31 15.99 -13.24 -13.61
CA ASN A 31 16.49 -14.02 -12.47
C ASN A 31 15.39 -14.48 -11.52
N ASN A 32 14.30 -13.67 -11.37
CA ASN A 32 13.18 -13.98 -10.48
C ASN A 32 11.82 -13.70 -11.10
N LEU A 33 10.92 -14.70 -11.06
CA LEU A 33 9.55 -14.65 -11.60
C LEU A 33 8.54 -14.97 -10.50
N GLN A 34 7.39 -14.27 -10.49
CA GLN A 34 6.31 -14.46 -9.51
C GLN A 34 4.92 -14.43 -10.14
N TRP A 35 3.99 -15.24 -9.60
CA TRP A 35 2.60 -15.33 -10.03
C TRP A 35 1.66 -14.97 -8.87
N PHE A 36 0.79 -13.96 -9.09
CA PHE A 36 -0.14 -13.44 -8.10
C PHE A 36 -1.61 -13.56 -8.53
N HIS A 37 -2.54 -13.48 -7.55
CA HIS A 37 -3.99 -13.51 -7.76
C HIS A 37 -4.64 -12.31 -7.07
N GLN A 38 -5.43 -11.54 -7.82
CA GLN A 38 -6.12 -10.35 -7.31
C GLN A 38 -7.63 -10.59 -7.14
N ASN A 39 -8.12 -10.49 -5.89
CA ASN A 39 -9.52 -10.67 -5.53
C ASN A 39 -10.29 -9.33 -5.67
N PRO A 40 -11.65 -9.32 -5.78
CA PRO A 40 -12.37 -8.04 -5.96
C PRO A 40 -12.17 -6.97 -4.87
N TRP A 41 -11.72 -7.35 -3.67
CA TRP A 41 -11.47 -6.41 -2.56
C TRP A 41 -10.16 -5.62 -2.73
N GLY A 42 -9.28 -6.09 -3.63
CA GLY A 42 -8.01 -5.44 -3.96
C GLY A 42 -6.84 -5.90 -3.12
N GLN A 43 -6.59 -7.22 -3.08
CA GLN A 43 -5.48 -7.80 -2.32
C GLN A 43 -4.73 -8.83 -3.16
N LEU A 44 -3.40 -8.65 -3.27
CA LEU A 44 -2.53 -9.55 -4.04
C LEU A 44 -2.06 -10.73 -3.20
N ILE A 45 -2.42 -11.94 -3.63
CA ILE A 45 -2.06 -13.20 -2.96
C ILE A 45 -0.98 -13.90 -3.79
N ASN A 46 0.18 -14.16 -3.17
CA ASN A 46 1.30 -14.82 -3.84
C ASN A 46 1.04 -16.32 -4.01
N LEU A 47 0.78 -16.75 -5.26
CA LEU A 47 0.50 -18.14 -5.60
C LEU A 47 1.79 -18.95 -5.76
N PHE A 48 2.71 -18.48 -6.62
CA PHE A 48 3.96 -19.16 -6.93
C PHE A 48 5.15 -18.22 -7.16
N TYR A 49 6.36 -18.75 -6.92
CA TYR A 49 7.64 -18.11 -7.15
C TYR A 49 8.47 -19.15 -7.92
N ILE A 50 8.59 -18.96 -9.25
CA ILE A 50 9.29 -19.91 -10.11
C ILE A 50 10.39 -19.21 -10.95
N PRO A 51 11.62 -19.07 -10.42
CA PRO A 51 12.70 -18.47 -11.23
C PRO A 51 13.14 -19.40 -12.37
N SER A 52 13.00 -20.73 -12.16
CA SER A 52 13.33 -21.80 -13.12
C SER A 52 12.59 -23.09 -12.74
N GLY A 53 12.46 -23.99 -13.72
CA GLY A 53 11.80 -25.29 -13.55
C GLY A 53 10.30 -25.24 -13.40
N THR A 54 9.74 -26.29 -12.77
CA THR A 54 8.30 -26.47 -12.55
C THR A 54 8.01 -26.79 -11.08
N LYS A 55 6.93 -26.18 -10.53
CA LYS A 55 6.45 -26.37 -9.16
C LYS A 55 5.00 -26.84 -9.17
N GLN A 56 4.67 -27.81 -8.30
CA GLN A 56 3.32 -28.36 -8.17
C GLN A 56 2.86 -28.24 -6.72
N ASN A 57 1.91 -27.33 -6.46
CA ASN A 57 1.35 -27.08 -5.13
C ASN A 57 -0.16 -26.84 -5.19
N GLY A 58 -0.91 -27.75 -4.58
CA GLY A 58 -2.36 -27.71 -4.53
C GLY A 58 -3.02 -28.12 -5.84
N ARG A 59 -3.94 -27.28 -6.34
CA ARG A 59 -4.68 -27.49 -7.58
C ARG A 59 -4.11 -26.66 -8.74
N LEU A 60 -3.19 -25.72 -8.42
CA LEU A 60 -2.53 -24.84 -9.39
C LEU A 60 -1.11 -25.32 -9.69
N SER A 61 -0.71 -25.26 -10.98
CA SER A 61 0.62 -25.65 -11.44
C SER A 61 1.26 -24.52 -12.24
N ALA A 62 2.60 -24.38 -12.15
CA ALA A 62 3.34 -23.32 -12.84
C ALA A 62 4.70 -23.77 -13.35
N THR A 63 5.03 -23.40 -14.60
CA THR A 63 6.30 -23.71 -15.25
C THR A 63 6.93 -22.46 -15.86
N THR A 64 8.27 -22.33 -15.75
CA THR A 64 9.03 -21.19 -16.27
C THR A 64 10.37 -21.63 -16.86
N VAL A 65 10.71 -21.07 -18.05
CA VAL A 65 11.97 -21.31 -18.76
C VAL A 65 12.63 -19.97 -19.10
N ALA A 66 13.89 -19.79 -18.63
CA ALA A 66 14.68 -18.57 -18.84
C ALA A 66 15.30 -18.48 -20.24
N THR A 67 15.38 -19.62 -20.95
CA THR A 67 15.93 -19.72 -22.30
C THR A 67 14.99 -19.10 -23.34
N GLU A 68 13.76 -19.64 -23.45
CA GLU A 68 12.74 -19.19 -24.38
C GLU A 68 11.99 -17.93 -23.91
N ARG A 69 12.28 -17.48 -22.67
CA ARG A 69 11.75 -16.29 -21.99
C ARG A 69 10.22 -16.26 -21.93
N TYR A 70 9.62 -17.24 -21.22
CA TYR A 70 8.17 -17.34 -21.01
C TYR A 70 7.82 -18.13 -19.76
N SER A 71 6.69 -17.77 -19.13
CA SER A 71 6.14 -18.41 -17.94
C SER A 71 4.72 -18.90 -18.25
N LEU A 72 4.25 -19.93 -17.52
CA LEU A 72 2.91 -20.49 -17.73
C LEU A 72 2.22 -20.80 -16.42
N LEU A 73 0.89 -20.59 -16.37
CA LEU A 73 0.05 -20.84 -15.20
C LEU A 73 -1.11 -21.75 -15.58
N TYR A 74 -1.25 -22.89 -14.89
CA TYR A 74 -2.29 -23.88 -15.11
C TYR A 74 -3.34 -23.85 -14.01
N ILE A 75 -4.60 -24.09 -14.37
CA ILE A 75 -5.71 -24.16 -13.43
C ILE A 75 -6.53 -25.42 -13.69
N SER A 76 -6.29 -26.46 -12.88
CA SER A 76 -6.98 -27.75 -12.98
C SER A 76 -8.31 -27.68 -12.24
N SER A 77 -9.42 -28.06 -12.92
CA SER A 77 -10.80 -28.04 -12.41
C SER A 77 -11.13 -26.70 -11.72
N SER A 78 -11.16 -25.62 -12.52
CA SER A 78 -11.40 -24.25 -12.08
C SER A 78 -12.77 -24.04 -11.45
N GLN A 79 -12.79 -23.37 -10.28
CA GLN A 79 -13.99 -23.04 -9.50
C GLN A 79 -14.30 -21.54 -9.59
N THR A 80 -15.48 -21.12 -9.10
CA THR A 80 -15.92 -19.72 -9.08
C THR A 80 -15.04 -18.81 -8.20
N THR A 81 -14.34 -19.42 -7.21
CA THR A 81 -13.43 -18.73 -6.29
C THR A 81 -12.15 -18.28 -7.01
N ASP A 82 -11.79 -18.95 -8.13
CA ASP A 82 -10.62 -18.65 -8.95
C ASP A 82 -10.78 -17.40 -9.81
N SER A 83 -12.01 -16.86 -9.92
CA SER A 83 -12.33 -15.66 -10.70
C SER A 83 -11.62 -14.43 -10.13
N GLY A 84 -10.88 -13.75 -11.00
CA GLY A 84 -10.12 -12.56 -10.67
C GLY A 84 -9.04 -12.26 -11.70
N VAL A 85 -8.08 -11.38 -11.34
CA VAL A 85 -6.99 -11.00 -12.23
C VAL A 85 -5.67 -11.64 -11.77
N TYR A 86 -5.00 -12.34 -12.70
CA TYR A 86 -3.72 -13.00 -12.45
C TYR A 86 -2.58 -12.14 -13.00
N PHE A 87 -1.65 -11.73 -12.11
CA PHE A 87 -0.51 -10.88 -12.47
C PHE A 87 0.80 -11.63 -12.56
N CYS A 88 1.75 -11.07 -13.33
CA CYS A 88 3.08 -11.63 -13.55
C CYS A 88 4.17 -10.64 -13.13
N ALA A 89 4.71 -10.82 -11.91
CA ALA A 89 5.78 -9.97 -11.36
C ALA A 89 7.11 -10.48 -11.89
N VAL A 90 7.82 -9.62 -12.64
CA VAL A 90 9.08 -9.93 -13.32
C VAL A 90 10.22 -9.00 -12.87
N ASP A 91 11.42 -9.57 -12.63
CA ASP A 91 12.62 -8.85 -12.21
C ASP A 91 13.80 -9.06 -13.17
N SER A 92 14.43 -7.96 -13.63
CA SER A 92 15.57 -7.99 -14.55
C SER A 92 16.87 -8.22 -13.79
N GLY A 96 16.36 -4.18 -12.74
CA GLY A 96 17.30 -3.66 -11.75
C GLY A 96 17.99 -4.75 -10.94
N THR A 97 18.29 -4.43 -9.66
CA THR A 97 18.96 -5.35 -8.73
C THR A 97 17.99 -6.42 -8.22
N TYR A 98 16.79 -6.00 -7.73
CA TYR A 98 15.74 -6.89 -7.22
C TYR A 98 14.33 -6.34 -7.47
N LYS A 99 14.23 -5.19 -8.18
CA LYS A 99 12.97 -4.51 -8.49
C LYS A 99 12.02 -5.34 -9.36
N TYR A 100 10.82 -5.66 -8.82
CA TYR A 100 9.78 -6.43 -9.49
C TYR A 100 8.82 -5.49 -10.23
N ILE A 101 8.56 -5.79 -11.51
CA ILE A 101 7.66 -5.02 -12.38
C ILE A 101 6.51 -5.90 -12.88
N PHE A 102 5.28 -5.55 -12.49
CA PHE A 102 4.04 -6.27 -12.83
C PHE A 102 3.62 -6.01 -14.27
N GLY A 103 2.99 -7.03 -14.87
CA GLY A 103 2.49 -6.98 -16.24
C GLY A 103 1.11 -6.35 -16.37
N THR A 104 0.47 -6.56 -17.53
CA THR A 104 -0.87 -6.03 -17.85
C THR A 104 -1.97 -6.71 -17.03
N GLY A 105 -1.85 -8.03 -16.84
CA GLY A 105 -2.79 -8.82 -16.07
C GLY A 105 -3.75 -9.62 -16.93
N THR A 106 -3.97 -10.89 -16.56
CA THR A 106 -4.87 -11.81 -17.24
C THR A 106 -6.21 -11.83 -16.49
N ARG A 107 -7.26 -11.29 -17.11
CA ARG A 107 -8.61 -11.24 -16.52
C ARG A 107 -9.31 -12.58 -16.69
N LEU A 108 -9.58 -13.26 -15.55
CA LEU A 108 -10.24 -14.56 -15.54
C LEU A 108 -11.58 -14.50 -14.82
N LYS A 109 -12.63 -14.98 -15.49
CA LYS A 109 -13.99 -15.01 -14.96
C LYS A 109 -14.64 -16.38 -15.19
N VAL A 110 -14.66 -17.22 -14.13
CA VAL A 110 -15.22 -18.57 -14.18
C VAL A 110 -16.75 -18.48 -14.13
N LEU A 111 -17.39 -19.01 -15.18
CA LEU A 111 -18.85 -19.02 -15.33
C LEU A 111 -19.42 -20.35 -14.84
N ALA A 112 -20.35 -20.29 -13.88
CA ALA A 112 -20.99 -21.47 -13.31
C ALA A 112 -22.26 -21.83 -14.09
N ASN A 113 -22.15 -22.82 -14.98
CA ASN A 113 -23.26 -23.28 -15.81
C ASN A 113 -24.23 -24.13 -14.99
N ILE A 114 -25.47 -23.66 -14.86
CA ILE A 114 -26.55 -24.31 -14.10
C ILE A 114 -27.06 -25.52 -14.89
N GLN A 115 -27.25 -26.66 -14.19
CA GLN A 115 -27.75 -27.91 -14.77
C GLN A 115 -29.18 -27.78 -15.29
N ASN A 116 -30.04 -27.01 -14.57
CA ASN A 116 -31.43 -26.80 -14.95
C ASN A 116 -31.76 -25.29 -15.02
N PRO A 117 -31.47 -24.62 -16.16
CA PRO A 117 -31.77 -23.17 -16.25
C PRO A 117 -33.25 -22.89 -16.52
N ASP A 118 -33.77 -21.82 -15.91
CA ASP A 118 -35.16 -21.37 -16.05
C ASP A 118 -35.20 -19.83 -16.02
N PRO A 119 -34.98 -19.14 -17.16
CA PRO A 119 -34.99 -17.66 -17.15
C PRO A 119 -36.33 -17.06 -16.77
N ALA A 120 -36.31 -16.10 -15.82
CA ALA A 120 -37.51 -15.44 -15.30
C ALA A 120 -37.25 -14.03 -14.78
N VAL A 121 -38.23 -13.12 -14.99
CA VAL A 121 -38.15 -11.73 -14.54
C VAL A 121 -39.27 -11.45 -13.52
N TYR A 122 -38.89 -11.32 -12.23
CA TYR A 122 -39.83 -11.07 -11.13
C TYR A 122 -39.77 -9.61 -10.66
N GLN A 123 -40.88 -9.11 -10.10
CA GLN A 123 -40.98 -7.75 -9.56
C GLN A 123 -41.06 -7.79 -8.04
N LEU A 124 -40.06 -7.16 -7.37
CA LEU A 124 -39.96 -7.10 -5.92
C LEU A 124 -40.42 -5.74 -5.37
N ARG A 125 -40.99 -5.74 -4.15
CA ARG A 125 -41.49 -4.53 -3.48
C ARG A 125 -40.75 -4.24 -2.17
N ASP A 126 -40.63 -2.95 -1.81
CA ASP A 126 -39.94 -2.48 -0.59
C ASP A 126 -40.68 -2.87 0.69
N SER A 127 -39.92 -3.14 1.77
CA SER A 127 -40.44 -3.55 3.08
C SER A 127 -41.23 -2.44 3.79
N LYS A 128 -40.68 -1.20 3.82
CA LYS A 128 -41.30 -0.05 4.48
C LYS A 128 -42.24 0.74 3.57
N SER A 129 -41.76 1.15 2.38
CA SER A 129 -42.54 1.94 1.41
C SER A 129 -43.32 1.06 0.43
N SER A 130 -44.50 1.56 -0.02
CA SER A 130 -45.37 0.86 -0.96
C SER A 130 -45.11 1.26 -2.42
N ASP A 131 -44.66 2.51 -2.65
CA ASP A 131 -44.38 3.06 -3.97
C ASP A 131 -43.12 2.47 -4.62
N LYS A 132 -42.05 2.24 -3.82
CA LYS A 132 -40.77 1.71 -4.28
C LYS A 132 -40.85 0.26 -4.74
N SER A 133 -40.23 -0.05 -5.90
CA SER A 133 -40.19 -1.38 -6.51
C SER A 133 -38.89 -1.60 -7.31
N VAL A 134 -38.46 -2.88 -7.42
CA VAL A 134 -37.25 -3.27 -8.15
C VAL A 134 -37.43 -4.60 -8.90
N CYS A 135 -37.03 -4.63 -10.19
CA CYS A 135 -37.12 -5.81 -11.06
C CYS A 135 -35.89 -6.70 -10.93
N LEU A 136 -36.11 -8.03 -10.94
CA LEU A 136 -35.05 -9.04 -10.79
C LEU A 136 -35.12 -10.12 -11.88
N PHE A 137 -33.98 -10.34 -12.56
CA PHE A 137 -33.80 -11.36 -13.59
C PHE A 137 -32.91 -12.44 -12.97
N THR A 138 -33.45 -13.66 -12.78
CA THR A 138 -32.72 -14.75 -12.12
C THR A 138 -32.90 -16.12 -12.82
N ASP A 139 -32.13 -17.14 -12.34
CA ASP A 139 -32.10 -18.54 -12.79
C ASP A 139 -31.80 -18.72 -14.31
N PHE A 140 -31.04 -17.76 -14.88
CA PHE A 140 -30.64 -17.76 -16.28
C PHE A 140 -29.26 -18.39 -16.46
N ASP A 141 -28.94 -18.86 -17.69
CA ASP A 141 -27.65 -19.46 -18.02
C ASP A 141 -26.54 -18.40 -18.03
N SER A 142 -25.32 -18.80 -17.63
CA SER A 142 -24.13 -17.94 -17.54
C SER A 142 -23.68 -17.35 -18.88
N GLN A 143 -24.09 -17.97 -20.01
CA GLN A 143 -23.75 -17.52 -21.37
C GLN A 143 -24.38 -16.18 -21.76
N THR A 144 -25.45 -15.75 -21.06
CA THR A 144 -26.18 -14.49 -21.30
C THR A 144 -25.30 -13.26 -21.06
N ASN A 145 -25.44 -12.26 -21.92
CA ASN A 145 -24.72 -10.99 -21.81
C ASN A 145 -25.72 -9.89 -21.54
N VAL A 146 -25.86 -9.50 -20.26
CA VAL A 146 -26.79 -8.46 -19.81
C VAL A 146 -26.14 -7.09 -20.07
N SER A 147 -26.66 -6.36 -21.07
CA SER A 147 -26.14 -5.06 -21.51
C SER A 147 -26.49 -3.91 -20.57
N GLN A 148 -25.48 -3.10 -20.23
CA GLN A 148 -25.61 -1.91 -19.37
C GLN A 148 -26.31 -0.80 -20.16
N SER A 149 -27.65 -0.83 -20.14
CA SER A 149 -28.54 0.06 -20.88
C SER A 149 -29.62 0.71 -19.95
N LYS A 150 -30.35 1.80 -20.36
CA LYS A 150 -30.31 2.53 -21.64
C LYS A 150 -30.83 3.95 -21.52
N ASP A 151 -32.00 4.12 -20.87
CA ASP A 151 -32.71 5.40 -20.72
C ASP A 151 -32.01 6.45 -19.83
N SER A 152 -30.93 6.06 -19.11
CA SER A 152 -30.15 6.90 -18.18
C SER A 152 -30.96 7.30 -16.93
N ASP A 153 -32.20 6.80 -16.85
CA ASP A 153 -33.16 6.97 -15.76
C ASP A 153 -33.42 5.59 -15.13
N VAL A 154 -33.05 4.51 -15.86
CA VAL A 154 -33.15 3.10 -15.44
C VAL A 154 -31.75 2.59 -15.08
N TYR A 155 -31.61 1.95 -13.90
CA TYR A 155 -30.33 1.44 -13.41
C TYR A 155 -30.28 -0.08 -13.38
N ILE A 156 -29.32 -0.70 -14.11
CA ILE A 156 -29.15 -2.16 -14.15
C ILE A 156 -27.77 -2.59 -13.61
N THR A 157 -27.65 -3.85 -13.14
CA THR A 157 -26.41 -4.41 -12.59
C THR A 157 -25.94 -5.67 -13.34
N ASP A 158 -24.66 -6.02 -13.17
CA ASP A 158 -24.03 -7.20 -13.79
C ASP A 158 -24.42 -8.50 -13.07
N LYS A 159 -24.06 -9.65 -13.68
CA LYS A 159 -24.35 -10.99 -13.16
C LYS A 159 -23.54 -11.32 -11.90
N CYS A 160 -24.16 -12.12 -10.99
CA CYS A 160 -23.58 -12.59 -9.73
C CYS A 160 -23.78 -14.10 -9.59
N VAL A 161 -22.88 -14.79 -8.86
CA VAL A 161 -22.96 -16.24 -8.65
C VAL A 161 -23.17 -16.56 -7.16
N LEU A 162 -24.20 -17.37 -6.86
CA LEU A 162 -24.54 -17.82 -5.49
C LEU A 162 -24.74 -19.34 -5.42
N ASP A 163 -24.35 -19.96 -4.30
CA ASP A 163 -24.48 -21.41 -4.07
C ASP A 163 -25.30 -21.72 -2.83
N MET A 164 -26.31 -22.60 -2.96
CA MET A 164 -27.21 -22.99 -1.88
C MET A 164 -26.98 -24.43 -1.40
N ARG A 165 -26.91 -25.39 -2.35
CA ARG A 165 -26.71 -26.84 -2.12
C ARG A 165 -27.83 -27.46 -1.30
N ASP A 168 -24.37 -28.08 -4.76
CA ASP A 168 -25.35 -28.74 -5.61
C ASP A 168 -26.12 -27.75 -6.47
N PHE A 169 -26.69 -26.70 -5.85
CA PHE A 169 -27.46 -25.66 -6.54
C PHE A 169 -26.65 -24.37 -6.72
N LYS A 170 -26.70 -23.82 -7.94
CA LYS A 170 -26.02 -22.58 -8.32
C LYS A 170 -27.01 -21.70 -9.09
N SER A 171 -27.02 -20.37 -8.82
CA SER A 171 -27.93 -19.45 -9.47
C SER A 171 -27.30 -18.10 -9.84
N ASN A 172 -27.69 -17.57 -11.02
CA ASN A 172 -27.23 -16.29 -11.54
C ASN A 172 -28.35 -15.25 -11.47
N SER A 173 -28.01 -14.02 -11.01
CA SER A 173 -29.00 -12.94 -10.87
C SER A 173 -28.53 -11.58 -11.38
N ALA A 174 -29.49 -10.71 -11.76
CA ALA A 174 -29.30 -9.34 -12.25
C ALA A 174 -30.43 -8.46 -11.73
N VAL A 175 -30.08 -7.28 -11.17
CA VAL A 175 -31.05 -6.34 -10.58
C VAL A 175 -31.21 -5.08 -11.45
N ALA A 176 -32.47 -4.72 -11.77
CA ALA A 176 -32.83 -3.53 -12.54
C ALA A 176 -33.87 -2.71 -11.78
N TRP A 177 -33.59 -1.40 -11.57
CA TRP A 177 -34.50 -0.51 -10.85
C TRP A 177 -34.57 0.89 -11.44
N SER A 178 -35.75 1.52 -11.30
CA SER A 178 -36.05 2.89 -11.76
C SER A 178 -37.30 3.39 -11.04
N ASN A 179 -37.17 4.48 -10.26
CA ASN A 179 -38.28 5.09 -9.55
C ASN A 179 -38.99 6.10 -10.47
N LYS A 180 -39.59 5.57 -11.55
CA LYS A 180 -40.30 6.30 -12.59
C LYS A 180 -41.75 5.80 -12.71
N SER A 181 -42.64 6.61 -13.33
CA SER A 181 -44.05 6.27 -13.53
C SER A 181 -44.24 5.06 -14.44
N ASP A 182 -44.92 4.01 -13.91
CA ASP A 182 -45.24 2.73 -14.55
C ASP A 182 -44.00 2.06 -15.18
N PHE A 183 -43.04 1.64 -14.33
CA PHE A 183 -41.84 0.95 -14.77
C PHE A 183 -42.12 -0.55 -14.75
N ALA A 184 -42.55 -1.07 -15.92
CA ALA A 184 -42.92 -2.47 -16.10
C ALA A 184 -41.71 -3.39 -16.13
N CYS A 185 -41.87 -4.59 -15.56
CA CYS A 185 -40.84 -5.63 -15.52
C CYS A 185 -40.64 -6.26 -16.91
N ALA A 186 -41.71 -6.29 -17.72
CA ALA A 186 -41.69 -6.81 -19.09
C ALA A 186 -40.94 -5.85 -20.02
N ASN A 187 -41.04 -4.53 -19.74
CA ASN A 187 -40.36 -3.46 -20.49
C ASN A 187 -38.87 -3.43 -20.17
N ALA A 188 -38.49 -3.89 -18.95
CA ALA A 188 -37.10 -3.98 -18.48
C ALA A 188 -36.38 -5.11 -19.20
N PHE A 189 -35.04 -4.98 -19.35
CA PHE A 189 -34.14 -5.93 -20.03
C PHE A 189 -34.46 -6.10 -21.54
N ASN A 190 -35.07 -5.06 -22.15
CA ASN A 190 -35.41 -5.04 -23.57
C ASN A 190 -34.18 -4.91 -24.46
N ASN A 191 -33.17 -4.16 -23.99
CA ASN A 191 -31.91 -3.94 -24.70
C ASN A 191 -31.02 -5.18 -24.70
N SER A 192 -31.12 -6.00 -23.64
CA SER A 192 -30.36 -7.25 -23.50
C SER A 192 -31.10 -8.37 -24.22
N ILE A 193 -30.36 -9.19 -25.00
CA ILE A 193 -30.95 -10.31 -25.75
C ILE A 193 -31.10 -11.53 -24.80
N ILE A 194 -32.33 -11.71 -24.31
CA ILE A 194 -32.73 -12.77 -23.37
C ILE A 194 -33.36 -13.98 -24.11
N PRO A 195 -33.37 -15.21 -23.53
CA PRO A 195 -33.96 -16.36 -24.24
C PRO A 195 -35.47 -16.25 -24.49
N GLU A 196 -35.98 -17.03 -25.45
CA GLU A 196 -37.40 -17.06 -25.84
C GLU A 196 -38.29 -17.64 -24.75
N ASP A 197 -37.79 -18.64 -24.00
CA ASP A 197 -38.49 -19.33 -22.91
C ASP A 197 -38.47 -18.57 -21.56
N THR A 198 -38.22 -17.24 -21.59
CA THR A 198 -38.17 -16.41 -20.38
C THR A 198 -39.59 -16.18 -19.83
N PHE A 199 -39.80 -16.56 -18.56
CA PHE A 199 -41.06 -16.48 -17.83
C PHE A 199 -41.31 -15.08 -17.27
N PHE A 200 -42.42 -14.46 -17.69
CA PHE A 200 -42.83 -13.11 -17.25
C PHE A 200 -44.15 -13.13 -16.47
N PRO A 201 -44.11 -13.34 -15.12
CA PRO A 201 -45.37 -13.34 -14.35
C PRO A 201 -45.95 -11.94 -14.12
N SER A 202 -47.27 -11.88 -13.89
CA SER A 202 -48.00 -10.64 -13.64
C SER A 202 -48.05 -10.33 -12.13
N PRO A 203 -47.77 -9.07 -11.70
CA PRO A 203 -47.81 -8.77 -10.26
C PRO A 203 -49.23 -8.48 -9.76
N ASP B 2 -4.72 -13.53 8.58
CA ASP B 2 -3.98 -12.27 8.44
C ASP B 2 -3.17 -12.25 7.14
N THR B 3 -3.04 -11.04 6.55
CA THR B 3 -2.28 -10.82 5.31
C THR B 3 -0.77 -10.89 5.54
N GLY B 4 -0.33 -10.51 6.74
CA GLY B 4 1.08 -10.50 7.12
C GLY B 4 1.65 -9.09 7.19
N VAL B 5 1.28 -8.24 6.21
CA VAL B 5 1.70 -6.84 6.11
C VAL B 5 0.48 -5.94 6.32
N SER B 6 0.56 -5.03 7.31
CA SER B 6 -0.52 -4.10 7.63
C SER B 6 -0.31 -2.73 6.99
N GLN B 7 -1.41 -2.05 6.64
CA GLN B 7 -1.40 -0.73 6.03
C GLN B 7 -2.45 0.18 6.66
N ASN B 8 -2.02 1.31 7.24
CA ASN B 8 -2.91 2.29 7.86
C ASN B 8 -2.75 3.68 7.24
N PRO B 9 -3.85 4.33 6.78
CA PRO B 9 -5.25 3.89 6.80
C PRO B 9 -5.57 2.92 5.65
N ARG B 10 -6.82 2.44 5.59
CA ARG B 10 -7.29 1.53 4.55
C ARG B 10 -8.13 2.29 3.51
N HIS B 11 -8.72 3.43 3.94
CA HIS B 11 -9.56 4.30 3.10
C HIS B 11 -9.35 5.77 3.50
N LYS B 12 -9.12 6.65 2.52
CA LYS B 12 -8.90 8.08 2.75
C LYS B 12 -9.58 8.96 1.71
N ILE B 13 -10.22 10.04 2.19
CA ILE B 13 -10.93 11.04 1.38
C ILE B 13 -10.24 12.39 1.62
N THR B 14 -9.89 13.11 0.53
CA THR B 14 -9.20 14.39 0.61
C THR B 14 -9.65 15.39 -0.48
N LYS B 15 -9.59 16.69 -0.16
CA LYS B 15 -9.94 17.78 -1.07
C LYS B 15 -8.74 18.10 -1.98
N ARG B 16 -9.03 18.65 -3.19
CA ARG B 16 -8.01 19.00 -4.19
C ARG B 16 -7.02 20.06 -3.66
N GLY B 17 -5.74 19.66 -3.61
CA GLY B 17 -4.64 20.50 -3.13
C GLY B 17 -4.41 20.41 -1.64
N GLN B 18 -4.49 19.18 -1.08
CA GLN B 18 -4.27 18.92 0.34
C GLN B 18 -3.21 17.86 0.57
N ASN B 19 -2.56 17.88 1.75
CA ASN B 19 -1.51 16.94 2.14
C ASN B 19 -2.06 15.66 2.75
N VAL B 20 -1.58 14.51 2.25
CA VAL B 20 -1.96 13.15 2.70
C VAL B 20 -0.73 12.27 2.92
N THR B 21 -0.83 11.32 3.87
CA THR B 21 0.24 10.38 4.19
C THR B 21 -0.30 8.96 4.45
N PHE B 22 0.49 7.94 4.06
CA PHE B 22 0.13 6.53 4.25
C PHE B 22 1.26 5.78 4.95
N ARG B 23 0.92 5.00 5.99
CA ARG B 23 1.88 4.21 6.76
C ARG B 23 1.77 2.73 6.39
N CYS B 24 2.92 2.06 6.20
CA CYS B 24 2.99 0.64 5.87
C CYS B 24 3.81 -0.10 6.93
N ASP B 25 3.18 -1.05 7.63
CA ASP B 25 3.82 -1.86 8.66
C ASP B 25 4.08 -3.29 8.15
N PRO B 26 5.34 -3.60 7.75
CA PRO B 26 5.62 -4.95 7.23
C PRO B 26 6.05 -5.94 8.32
N ILE B 27 6.46 -7.16 7.92
CA ILE B 27 6.95 -8.21 8.82
C ILE B 27 8.34 -7.77 9.33
N SER B 28 8.55 -7.87 10.66
CA SER B 28 9.77 -7.46 11.37
C SER B 28 11.08 -7.96 10.75
N GLU B 29 11.16 -9.26 10.42
CA GLU B 29 12.36 -9.89 9.85
C GLU B 29 12.69 -9.43 8.43
N HIS B 30 11.67 -9.10 7.61
CA HIS B 30 11.79 -8.67 6.21
C HIS B 30 12.71 -7.45 6.01
N ASN B 31 13.74 -7.62 5.16
CA ASN B 31 14.76 -6.63 4.84
C ASN B 31 14.31 -5.56 3.85
N ARG B 32 13.46 -5.94 2.88
CA ARG B 32 13.00 -5.05 1.81
C ARG B 32 11.57 -4.51 1.98
N LEU B 33 11.27 -3.41 1.26
CA LEU B 33 9.97 -2.75 1.21
C LEU B 33 9.72 -2.23 -0.22
N TYR B 34 8.47 -2.33 -0.71
CA TYR B 34 8.09 -1.93 -2.05
C TYR B 34 6.85 -1.02 -2.07
N TRP B 35 6.81 -0.05 -3.00
CA TRP B 35 5.67 0.87 -3.19
C TRP B 35 5.12 0.78 -4.60
N TYR B 36 3.81 0.47 -4.72
CA TYR B 36 3.09 0.33 -5.98
C TYR B 36 1.80 1.16 -6.02
N ARG B 37 1.39 1.57 -7.23
CA ARG B 37 0.17 2.33 -7.48
C ARG B 37 -0.69 1.59 -8.51
N GLN B 38 -1.94 1.25 -8.12
CA GLN B 38 -2.88 0.53 -8.97
C GLN B 38 -4.17 1.34 -9.20
N THR B 39 -4.56 1.51 -10.47
CA THR B 39 -5.77 2.23 -10.87
C THR B 39 -6.92 1.25 -11.18
N LEU B 40 -8.06 1.77 -11.70
CA LEU B 40 -9.24 0.97 -12.04
C LEU B 40 -8.98 0.11 -13.28
N GLY B 41 -9.06 -1.21 -13.10
CA GLY B 41 -8.88 -2.22 -14.14
C GLY B 41 -7.54 -2.20 -14.84
N GLN B 42 -6.45 -1.91 -14.09
CA GLN B 42 -5.09 -1.83 -14.61
C GLN B 42 -4.07 -2.49 -13.67
N GLY B 43 -2.88 -2.79 -14.20
CA GLY B 43 -1.79 -3.40 -13.45
C GLY B 43 -1.10 -2.43 -12.51
N PRO B 44 -0.48 -2.93 -11.40
CA PRO B 44 0.19 -2.00 -10.47
C PRO B 44 1.53 -1.50 -11.00
N GLU B 45 1.70 -0.16 -11.02
CA GLU B 45 2.92 0.50 -11.50
C GLU B 45 3.89 0.70 -10.34
N PHE B 46 5.18 0.37 -10.57
CA PHE B 46 6.26 0.51 -9.60
C PHE B 46 6.57 1.98 -9.32
N LEU B 47 6.68 2.33 -8.03
CA LEU B 47 6.98 3.70 -7.60
C LEU B 47 8.41 3.80 -7.07
N THR B 48 8.70 3.14 -5.92
CA THR B 48 10.01 3.12 -5.26
C THR B 48 10.16 1.91 -4.34
N TYR B 49 11.41 1.45 -4.13
CA TYR B 49 11.69 0.32 -3.25
C TYR B 49 12.90 0.56 -2.35
N PHE B 50 12.89 -0.07 -1.16
CA PHE B 50 13.92 0.05 -0.12
C PHE B 50 14.58 -1.30 0.17
N GLN B 51 15.88 -1.26 0.53
CA GLN B 51 16.69 -2.42 0.94
C GLN B 51 17.38 -2.01 2.25
N ASN B 52 16.90 -2.55 3.38
CA ASN B 52 17.36 -2.28 4.74
C ASN B 52 17.06 -0.83 5.20
N GLU B 53 18.06 0.07 5.21
CA GLU B 53 17.89 1.44 5.69
C GLU B 53 17.81 2.51 4.59
N ALA B 54 18.37 2.23 3.40
CA ALA B 54 18.42 3.19 2.29
C ALA B 54 17.45 2.89 1.16
N GLN B 55 17.06 3.95 0.43
CA GLN B 55 16.18 3.93 -0.73
C GLN B 55 17.04 3.60 -1.95
N LEU B 56 16.74 2.49 -2.62
CA LEU B 56 17.52 2.02 -3.75
C LEU B 56 17.20 2.71 -5.07
N GLU B 57 15.93 2.68 -5.50
CA GLU B 57 15.53 3.31 -6.76
C GLU B 57 14.16 3.97 -6.69
N LYS B 58 13.96 5.02 -7.52
CA LYS B 58 12.71 5.75 -7.66
C LYS B 58 12.37 5.82 -9.15
N SER B 59 11.10 5.55 -9.50
CA SER B 59 10.62 5.53 -10.89
C SER B 59 10.73 6.89 -11.58
N ARG B 60 11.03 6.89 -12.89
CA ARG B 60 11.17 8.10 -13.71
C ARG B 60 9.81 8.78 -13.90
N LEU B 61 8.72 7.99 -13.99
CA LEU B 61 7.34 8.46 -14.15
C LEU B 61 6.78 9.08 -12.87
N LEU B 62 7.38 8.77 -11.69
CA LEU B 62 6.97 9.27 -10.38
C LEU B 62 7.10 10.79 -10.27
N SER B 63 6.02 11.46 -9.83
CA SER B 63 5.94 12.91 -9.68
C SER B 63 6.81 13.41 -8.53
N ASP B 64 7.23 14.68 -8.62
CA ASP B 64 8.06 15.35 -7.61
C ASP B 64 7.32 15.63 -6.28
N ARG B 65 5.98 15.49 -6.29
CA ARG B 65 5.10 15.68 -5.13
C ARG B 65 5.08 14.43 -4.22
N PHE B 66 5.73 13.34 -4.66
CA PHE B 66 5.83 12.08 -3.92
C PHE B 66 7.15 11.97 -3.18
N SER B 67 7.08 11.48 -1.92
CA SER B 67 8.24 11.28 -1.06
C SER B 67 8.01 10.11 -0.11
N ALA B 68 8.81 9.05 -0.26
CA ALA B 68 8.76 7.86 0.59
C ALA B 68 9.91 7.94 1.59
N GLU B 69 9.57 7.97 2.88
CA GLU B 69 10.55 8.06 3.96
C GLU B 69 10.46 6.85 4.88
N ARG B 70 11.61 6.31 5.29
CA ARG B 70 11.67 5.16 6.19
C ARG B 70 12.24 5.61 7.55
N PRO B 71 11.36 5.97 8.51
CA PRO B 71 11.86 6.44 9.83
C PRO B 71 12.40 5.32 10.72
N LYS B 72 12.62 5.62 12.02
CA LYS B 72 13.14 4.69 13.02
C LYS B 72 12.30 3.40 13.12
N GLY B 73 12.86 2.31 12.63
CA GLY B 73 12.22 1.00 12.62
C GLY B 73 12.17 0.35 11.25
N SER B 74 11.10 -0.43 11.00
CA SER B 74 10.88 -1.15 9.74
C SER B 74 9.83 -0.49 8.84
N PHE B 75 8.89 0.27 9.45
CA PHE B 75 7.80 0.95 8.75
C PHE B 75 8.26 2.07 7.81
N SER B 76 7.45 2.36 6.77
CA SER B 76 7.70 3.41 5.78
C SER B 76 6.47 4.29 5.59
N THR B 77 6.69 5.59 5.32
CA THR B 77 5.63 6.57 5.09
C THR B 77 5.71 7.22 3.72
N LEU B 78 4.64 7.08 2.92
CA LEU B 78 4.53 7.68 1.58
C LEU B 78 3.62 8.90 1.67
N GLU B 79 4.11 10.06 1.19
CA GLU B 79 3.36 11.31 1.25
C GLU B 79 3.17 11.99 -0.10
N ILE B 80 2.02 12.67 -0.26
CA ILE B 80 1.65 13.44 -1.44
C ILE B 80 1.52 14.91 -1.01
N GLN B 81 2.24 15.81 -1.69
CA GLN B 81 2.24 17.25 -1.38
C GLN B 81 0.88 17.88 -1.70
N ARG B 82 0.57 18.04 -3.00
CA ARG B 82 -0.70 18.61 -3.45
C ARG B 82 -1.51 17.55 -4.20
N THR B 83 -2.75 17.30 -3.74
CA THR B 83 -3.64 16.32 -4.35
C THR B 83 -4.24 16.86 -5.64
N GLU B 84 -4.02 16.12 -6.74
CA GLU B 84 -4.46 16.46 -8.10
C GLU B 84 -5.39 15.37 -8.66
N GLN B 85 -5.96 15.58 -9.88
CA GLN B 85 -6.81 14.58 -10.53
C GLN B 85 -5.94 13.46 -11.11
N GLY B 86 -6.37 12.22 -10.92
CA GLY B 86 -5.64 11.05 -11.36
C GLY B 86 -4.88 10.37 -10.24
N ASP B 87 -4.72 11.08 -9.09
CA ASP B 87 -4.05 10.59 -7.89
C ASP B 87 -4.92 9.54 -7.18
N SER B 88 -6.25 9.59 -7.40
CA SER B 88 -7.24 8.68 -6.85
C SER B 88 -6.96 7.26 -7.37
N ALA B 89 -6.20 6.49 -6.58
CA ALA B 89 -5.78 5.12 -6.90
C ALA B 89 -5.51 4.32 -5.63
N MET B 90 -5.39 2.99 -5.77
CA MET B 90 -5.11 2.07 -4.67
C MET B 90 -3.60 1.92 -4.53
N TYR B 91 -3.03 2.39 -3.40
CA TYR B 91 -1.60 2.33 -3.13
C TYR B 91 -1.21 1.06 -2.37
N LEU B 92 -0.54 0.14 -3.08
CA LEU B 92 -0.11 -1.16 -2.56
C LEU B 92 1.30 -1.14 -1.97
N CYS B 93 1.50 -1.90 -0.89
CA CYS B 93 2.78 -2.02 -0.20
C CYS B 93 3.15 -3.49 -0.01
N ALA B 94 4.43 -3.81 -0.23
CA ALA B 94 4.94 -5.18 -0.11
C ALA B 94 6.29 -5.26 0.62
N SER B 95 6.65 -6.45 1.12
CA SER B 95 7.89 -6.71 1.84
C SER B 95 8.57 -7.99 1.34
N SER B 96 9.91 -8.02 1.32
CA SER B 96 10.69 -9.16 0.86
C SER B 96 11.82 -9.53 1.83
N LEU B 97 12.03 -10.83 2.05
CA LEU B 97 13.06 -11.37 2.95
C LEU B 97 14.31 -11.81 2.18
N GLY B 98 14.13 -12.69 1.20
CA GLY B 98 15.17 -13.24 0.34
C GLY B 98 15.99 -12.27 -0.49
N GLY B 99 15.37 -11.38 -1.29
CA GLY B 99 13.94 -11.18 -1.44
C GLY B 99 13.27 -12.01 -2.51
N TYR B 100 12.92 -13.26 -2.17
CA TYR B 100 12.28 -14.20 -3.08
C TYR B 100 10.78 -13.91 -3.23
N GLU B 101 10.01 -14.02 -2.12
CA GLU B 101 8.56 -13.79 -2.14
C GLU B 101 8.14 -12.44 -1.59
N GLN B 102 7.22 -11.77 -2.31
CA GLN B 102 6.64 -10.47 -1.95
C GLN B 102 5.29 -10.69 -1.26
N TYR B 103 5.15 -10.19 -0.04
CA TYR B 103 3.91 -10.30 0.73
C TYR B 103 3.19 -8.96 0.73
N PHE B 104 2.04 -8.89 0.05
CA PHE B 104 1.25 -7.68 -0.12
C PHE B 104 0.20 -7.44 0.96
N GLY B 105 -0.02 -6.16 1.27
CA GLY B 105 -1.00 -5.70 2.24
C GLY B 105 -2.34 -5.39 1.59
N PRO B 106 -3.36 -4.94 2.37
CA PRO B 106 -4.67 -4.64 1.77
C PRO B 106 -4.69 -3.43 0.83
N GLY B 107 -3.83 -2.44 1.11
CA GLY B 107 -3.71 -1.23 0.30
C GLY B 107 -4.69 -0.13 0.67
N THR B 108 -4.20 1.12 0.63
CA THR B 108 -5.00 2.32 0.95
C THR B 108 -5.73 2.81 -0.31
N ARG B 109 -7.05 3.04 -0.17
CA ARG B 109 -7.89 3.55 -1.24
C ARG B 109 -8.05 5.06 -1.08
N LEU B 110 -7.41 5.82 -1.97
CA LEU B 110 -7.44 7.29 -1.95
C LEU B 110 -8.47 7.83 -2.93
N THR B 111 -9.24 8.84 -2.50
CA THR B 111 -10.25 9.51 -3.32
C THR B 111 -10.04 11.03 -3.24
N VAL B 112 -9.64 11.63 -4.36
CA VAL B 112 -9.39 13.07 -4.46
C VAL B 112 -10.65 13.75 -5.02
N THR B 113 -11.41 14.42 -4.14
CA THR B 113 -12.65 15.11 -4.47
C THR B 113 -12.45 16.63 -4.60
N GLU B 114 -13.35 17.30 -5.36
CA GLU B 114 -13.32 18.75 -5.58
C GLU B 114 -13.72 19.48 -4.28
N ASP B 115 -14.75 18.97 -3.59
CA ASP B 115 -15.26 19.50 -2.33
C ASP B 115 -15.68 18.35 -1.42
N LEU B 116 -15.53 18.52 -0.09
CA LEU B 116 -15.89 17.51 0.92
C LEU B 116 -17.41 17.36 1.08
N LYS B 117 -18.20 18.30 0.53
CA LYS B 117 -19.67 18.29 0.56
C LYS B 117 -20.24 17.18 -0.35
N ASN B 118 -19.44 16.74 -1.35
CA ASN B 118 -19.79 15.69 -2.30
C ASN B 118 -19.90 14.29 -1.64
N VAL B 119 -19.40 14.15 -0.40
CA VAL B 119 -19.45 12.90 0.36
C VAL B 119 -20.87 12.70 0.89
N PHE B 120 -21.51 11.58 0.49
CA PHE B 120 -22.88 11.23 0.89
C PHE B 120 -22.93 9.81 1.48
N PRO B 121 -23.71 9.57 2.56
CA PRO B 121 -23.81 8.20 3.10
C PRO B 121 -24.79 7.33 2.30
N PRO B 122 -24.69 5.98 2.33
CA PRO B 122 -25.63 5.17 1.53
C PRO B 122 -27.01 5.00 2.17
N GLU B 123 -28.04 4.87 1.33
CA GLU B 123 -29.42 4.64 1.77
C GLU B 123 -29.74 3.18 1.48
N VAL B 124 -29.70 2.35 2.55
CA VAL B 124 -29.93 0.91 2.48
C VAL B 124 -31.43 0.57 2.56
N ALA B 125 -31.89 -0.31 1.65
CA ALA B 125 -33.29 -0.76 1.58
C ALA B 125 -33.37 -2.24 1.19
N VAL B 126 -34.19 -3.02 1.90
CA VAL B 126 -34.38 -4.45 1.65
C VAL B 126 -35.74 -4.68 0.96
N PHE B 127 -35.71 -5.39 -0.18
CA PHE B 127 -36.90 -5.69 -0.97
C PHE B 127 -37.43 -7.09 -0.69
N VAL B 128 -38.74 -7.16 -0.35
CA VAL B 128 -39.48 -8.38 -0.02
C VAL B 128 -39.62 -9.28 -1.28
N PRO B 129 -39.28 -10.59 -1.19
CA PRO B 129 -39.41 -11.48 -2.36
C PRO B 129 -40.84 -11.62 -2.88
N SER B 130 -40.99 -11.69 -4.21
CA SER B 130 -42.27 -11.80 -4.90
C SER B 130 -42.99 -13.12 -4.64
N GLU B 131 -44.34 -13.06 -4.59
CA GLU B 131 -45.23 -14.20 -4.38
C GLU B 131 -45.18 -15.14 -5.59
N ALA B 132 -44.89 -14.60 -6.78
CA ALA B 132 -44.78 -15.32 -8.05
C ALA B 132 -43.53 -16.20 -8.10
N GLU B 133 -42.45 -15.81 -7.37
CA GLU B 133 -41.19 -16.55 -7.32
C GLU B 133 -41.32 -17.81 -6.49
N ILE B 134 -41.87 -17.70 -5.26
CA ILE B 134 -42.09 -18.83 -4.35
C ILE B 134 -43.06 -19.86 -4.91
N SER B 135 -44.00 -19.42 -5.77
CA SER B 135 -44.99 -20.29 -6.41
C SER B 135 -44.39 -21.04 -7.60
N HIS B 136 -43.33 -20.48 -8.23
CA HIS B 136 -42.70 -21.05 -9.41
C HIS B 136 -41.44 -21.89 -9.13
N THR B 137 -40.48 -21.35 -8.36
CA THR B 137 -39.20 -22.04 -8.08
C THR B 137 -39.09 -22.63 -6.65
N GLN B 138 -40.07 -22.32 -5.76
CA GLN B 138 -40.15 -22.78 -4.36
C GLN B 138 -38.99 -22.28 -3.47
N LYS B 139 -38.47 -21.08 -3.75
CA LYS B 139 -37.41 -20.40 -2.99
C LYS B 139 -37.53 -18.88 -3.10
N ALA B 140 -37.17 -18.16 -2.02
CA ALA B 140 -37.28 -16.71 -1.94
C ALA B 140 -35.92 -15.99 -1.93
N THR B 141 -35.80 -14.92 -2.74
CA THR B 141 -34.57 -14.14 -2.81
C THR B 141 -34.84 -12.68 -2.38
N LEU B 142 -34.04 -12.19 -1.43
CA LEU B 142 -34.14 -10.83 -0.89
C LEU B 142 -33.11 -9.94 -1.58
N VAL B 143 -33.55 -8.80 -2.12
CA VAL B 143 -32.66 -7.86 -2.82
C VAL B 143 -32.37 -6.63 -1.95
N CYS B 144 -31.08 -6.39 -1.67
CA CYS B 144 -30.60 -5.23 -0.91
C CYS B 144 -30.21 -4.14 -1.90
N LEU B 145 -30.51 -2.87 -1.56
CA LEU B 145 -30.19 -1.74 -2.43
C LEU B 145 -29.64 -0.55 -1.67
N ALA B 146 -28.40 -0.16 -2.00
CA ALA B 146 -27.69 0.98 -1.43
C ALA B 146 -27.55 2.02 -2.54
N THR B 147 -28.09 3.23 -2.33
CA THR B 147 -28.08 4.32 -3.32
C THR B 147 -27.63 5.68 -2.77
N GLY B 148 -27.03 6.49 -3.63
CA GLY B 148 -26.59 7.84 -3.32
C GLY B 148 -25.44 7.95 -2.35
N PHE B 149 -24.28 7.35 -2.69
CA PHE B 149 -23.09 7.38 -1.85
C PHE B 149 -21.82 7.69 -2.63
N TYR B 150 -20.96 8.55 -2.07
CA TYR B 150 -19.67 8.93 -2.65
C TYR B 150 -18.61 9.07 -1.54
N PRO B 151 -17.42 8.42 -1.63
CA PRO B 151 -16.95 7.53 -2.71
C PRO B 151 -17.51 6.12 -2.65
N ASP B 152 -17.05 5.24 -3.55
CA ASP B 152 -17.47 3.84 -3.68
C ASP B 152 -16.85 2.89 -2.63
N HIS B 153 -16.35 3.45 -1.50
CA HIS B 153 -15.73 2.68 -0.41
C HIS B 153 -16.81 2.06 0.49
N VAL B 154 -17.38 0.92 0.05
CA VAL B 154 -18.44 0.20 0.78
C VAL B 154 -18.16 -1.30 0.90
N GLU B 155 -18.62 -1.91 2.01
CA GLU B 155 -18.48 -3.33 2.29
C GLU B 155 -19.85 -3.90 2.69
N LEU B 156 -20.42 -4.74 1.81
CA LEU B 156 -21.74 -5.34 2.02
C LEU B 156 -21.64 -6.78 2.55
N SER B 157 -22.44 -7.07 3.60
CA SER B 157 -22.52 -8.38 4.26
C SER B 157 -23.92 -8.63 4.78
N TRP B 158 -24.46 -9.85 4.54
CA TRP B 158 -25.80 -10.25 4.98
C TRP B 158 -25.78 -10.84 6.39
N TRP B 159 -26.83 -10.54 7.17
CA TRP B 159 -26.96 -11.01 8.54
C TRP B 159 -28.33 -11.66 8.79
N VAL B 160 -28.32 -12.98 9.04
CA VAL B 160 -29.53 -13.77 9.33
C VAL B 160 -29.46 -14.25 10.77
N ASN B 161 -30.46 -13.86 11.59
CA ASN B 161 -30.62 -14.18 13.02
C ASN B 161 -29.39 -13.74 13.86
N GLY B 162 -28.85 -12.57 13.52
CA GLY B 162 -27.69 -11.98 14.17
C GLY B 162 -26.39 -12.72 13.92
N LYS B 163 -26.27 -13.35 12.73
CA LYS B 163 -25.09 -14.12 12.33
C LYS B 163 -24.74 -13.88 10.86
N GLU B 164 -23.43 -13.71 10.57
CA GLU B 164 -22.89 -13.47 9.24
C GLU B 164 -23.11 -14.69 8.34
N VAL B 165 -23.75 -14.47 7.17
CA VAL B 165 -24.08 -15.52 6.20
C VAL B 165 -23.28 -15.35 4.90
N HIS B 166 -22.61 -16.42 4.45
CA HIS B 166 -21.81 -16.44 3.23
C HIS B 166 -22.46 -17.28 2.13
N SER B 167 -23.18 -18.34 2.51
CA SER B 167 -23.86 -19.25 1.58
C SER B 167 -25.12 -18.61 1.00
N GLY B 168 -25.28 -18.72 -0.33
CA GLY B 168 -26.40 -18.16 -1.07
C GLY B 168 -26.37 -16.64 -1.14
N VAL B 169 -25.16 -16.06 -1.15
CA VAL B 169 -24.92 -14.62 -1.19
C VAL B 169 -24.17 -14.24 -2.48
N CYS B 170 -24.73 -13.28 -3.23
CA CYS B 170 -24.11 -12.76 -4.45
C CYS B 170 -24.13 -11.22 -4.40
N THR B 171 -23.00 -10.60 -4.80
CA THR B 171 -22.85 -9.15 -4.80
C THR B 171 -22.25 -8.63 -6.10
N ASP B 172 -22.62 -7.40 -6.50
CA ASP B 172 -22.14 -6.74 -7.71
C ASP B 172 -20.62 -6.47 -7.62
N PRO B 173 -19.84 -6.74 -8.70
CA PRO B 173 -18.37 -6.52 -8.62
C PRO B 173 -17.99 -5.04 -8.55
N GLN B 174 -18.63 -4.20 -9.36
CA GLN B 174 -18.38 -2.75 -9.42
C GLN B 174 -19.66 -1.95 -9.17
N PRO B 175 -19.61 -0.87 -8.34
CA PRO B 175 -20.82 -0.08 -8.09
C PRO B 175 -21.13 0.86 -9.26
N LEU B 176 -22.36 0.78 -9.79
CA LEU B 176 -22.83 1.60 -10.90
C LEU B 176 -23.16 3.03 -10.44
N LYS B 177 -22.69 4.03 -11.19
CA LYS B 177 -22.92 5.45 -10.88
C LYS B 177 -24.35 5.87 -11.23
N GLU B 178 -24.98 6.70 -10.37
CA GLU B 178 -26.34 7.21 -10.56
C GLU B 178 -26.40 8.22 -11.72
N GLN B 179 -25.40 9.12 -11.79
CA GLN B 179 -25.26 10.11 -12.86
C GLN B 179 -23.93 9.80 -13.57
N PRO B 180 -23.95 9.07 -14.71
CA PRO B 180 -22.68 8.68 -15.37
C PRO B 180 -21.85 9.83 -15.93
N ALA B 181 -22.51 10.83 -16.57
CA ALA B 181 -21.83 11.98 -17.17
C ALA B 181 -21.62 13.12 -16.16
N LEU B 182 -21.07 12.80 -14.97
CA LEU B 182 -20.79 13.74 -13.89
C LEU B 182 -19.57 13.31 -13.09
N ASN B 183 -18.66 14.28 -12.80
CA ASN B 183 -17.46 14.06 -12.01
C ASN B 183 -17.82 14.16 -10.52
N ASP B 184 -17.26 13.25 -9.70
CA ASP B 184 -17.50 13.14 -8.25
C ASP B 184 -18.99 12.82 -7.95
N SER B 185 -19.61 12.01 -8.85
CA SER B 185 -21.01 11.59 -8.80
C SER B 185 -21.27 10.44 -7.82
N ARG B 186 -22.52 10.33 -7.34
CA ARG B 186 -22.97 9.29 -6.41
C ARG B 186 -23.00 7.92 -7.06
N TYR B 187 -22.81 6.86 -6.24
CA TYR B 187 -22.79 5.46 -6.68
C TYR B 187 -23.98 4.65 -6.12
N ALA B 188 -24.20 3.46 -6.68
CA ALA B 188 -25.27 2.53 -6.28
C ALA B 188 -24.76 1.09 -6.32
N LEU B 189 -25.14 0.28 -5.34
CA LEU B 189 -24.74 -1.13 -5.22
C LEU B 189 -25.91 -2.00 -4.78
N SER B 190 -25.98 -3.25 -5.31
CA SER B 190 -27.03 -4.20 -5.00
C SER B 190 -26.46 -5.61 -4.72
N SER B 191 -27.13 -6.35 -3.83
CA SER B 191 -26.76 -7.71 -3.44
C SER B 191 -28.00 -8.55 -3.14
N ARG B 192 -27.94 -9.85 -3.48
CA ARG B 192 -29.06 -10.78 -3.28
C ARG B 192 -28.74 -11.96 -2.37
N LEU B 193 -29.67 -12.28 -1.46
CA LEU B 193 -29.59 -13.41 -0.52
C LEU B 193 -30.71 -14.38 -0.88
N ARG B 194 -30.36 -15.65 -1.16
CA ARG B 194 -31.36 -16.65 -1.51
C ARG B 194 -31.53 -17.73 -0.44
N VAL B 195 -32.76 -17.86 0.06
CA VAL B 195 -33.17 -18.84 1.08
C VAL B 195 -34.41 -19.61 0.59
N SER B 196 -34.68 -20.79 1.20
CA SER B 196 -35.83 -21.63 0.84
C SER B 196 -37.15 -20.95 1.23
N ALA B 197 -38.25 -21.29 0.52
CA ALA B 197 -39.60 -20.74 0.75
C ALA B 197 -40.10 -20.99 2.18
N THR B 198 -39.79 -22.17 2.75
CA THR B 198 -40.16 -22.57 4.11
C THR B 198 -39.44 -21.71 5.16
N PHE B 199 -38.19 -21.30 4.86
CA PHE B 199 -37.36 -20.47 5.73
C PHE B 199 -37.86 -19.03 5.78
N TRP B 200 -38.24 -18.46 4.62
CA TRP B 200 -38.77 -17.09 4.52
C TRP B 200 -40.14 -16.95 5.18
N GLN B 201 -41.02 -17.97 5.02
CA GLN B 201 -42.36 -18.00 5.60
C GLN B 201 -42.38 -18.09 7.13
N ASP B 202 -41.27 -18.59 7.74
CA ASP B 202 -41.13 -18.69 9.20
C ASP B 202 -40.96 -17.28 9.80
N PRO B 203 -41.90 -16.83 10.67
CA PRO B 203 -41.78 -15.47 11.24
C PRO B 203 -40.68 -15.28 12.29
N ARG B 204 -40.09 -16.40 12.78
CA ARG B 204 -39.02 -16.38 13.78
C ARG B 204 -37.65 -16.01 13.19
N ASN B 205 -37.52 -16.04 11.85
CA ASN B 205 -36.27 -15.72 11.15
C ASN B 205 -36.15 -14.24 10.80
N HIS B 206 -35.03 -13.62 11.21
CA HIS B 206 -34.70 -12.21 11.00
C HIS B 206 -33.69 -12.05 9.87
N PHE B 207 -33.97 -11.11 8.94
CA PHE B 207 -33.12 -10.82 7.79
C PHE B 207 -32.66 -9.36 7.83
N ARG B 208 -31.34 -9.14 7.74
CA ARG B 208 -30.77 -7.79 7.79
C ARG B 208 -29.58 -7.62 6.84
N CYS B 209 -29.58 -6.52 6.08
CA CYS B 209 -28.52 -6.17 5.14
C CYS B 209 -27.69 -5.03 5.74
N GLN B 210 -26.36 -5.22 5.82
CA GLN B 210 -25.44 -4.24 6.39
C GLN B 210 -24.45 -3.71 5.34
N VAL B 211 -24.31 -2.38 5.26
CA VAL B 211 -23.39 -1.71 4.33
C VAL B 211 -22.40 -0.86 5.16
N GLN B 212 -21.13 -1.27 5.19
CA GLN B 212 -20.08 -0.57 5.94
C GLN B 212 -19.46 0.52 5.06
N PHE B 213 -19.85 1.79 5.31
CA PHE B 213 -19.38 2.96 4.59
C PHE B 213 -18.16 3.56 5.28
N TYR B 214 -17.12 3.91 4.49
CA TYR B 214 -15.89 4.52 4.98
C TYR B 214 -15.88 6.01 4.62
N GLY B 215 -16.21 6.85 5.60
CA GLY B 215 -16.33 8.30 5.42
C GLY B 215 -15.19 9.13 5.96
N LEU B 216 -15.53 10.33 6.47
CA LEU B 216 -14.58 11.31 7.01
C LEU B 216 -14.11 10.99 8.44
N SER B 217 -12.97 11.60 8.83
CA SER B 217 -12.38 11.47 10.16
C SER B 217 -12.61 12.76 10.96
N GLU B 218 -12.28 12.76 12.27
CA GLU B 218 -12.45 13.90 13.17
C GLU B 218 -11.60 15.14 12.77
N ASN B 219 -10.53 14.91 11.97
CA ASN B 219 -9.62 15.95 11.48
C ASN B 219 -10.32 16.87 10.47
N ASP B 220 -11.17 16.29 9.60
CA ASP B 220 -11.91 17.00 8.54
C ASP B 220 -12.97 17.95 9.09
N GLU B 221 -12.96 19.20 8.62
CA GLU B 221 -13.89 20.25 9.03
C GLU B 221 -15.25 20.07 8.33
N TRP B 222 -16.34 20.18 9.10
CA TRP B 222 -17.70 20.04 8.59
C TRP B 222 -18.52 21.31 8.88
N THR B 223 -18.95 22.01 7.80
CA THR B 223 -19.70 23.27 7.89
C THR B 223 -21.12 23.19 7.27
N GLN B 224 -21.42 22.13 6.51
CA GLN B 224 -22.71 21.91 5.85
C GLN B 224 -23.84 21.66 6.87
N ASP B 225 -25.08 22.07 6.52
CA ASP B 225 -26.29 21.94 7.36
C ASP B 225 -26.64 20.49 7.73
N ARG B 226 -26.44 19.54 6.79
CA ARG B 226 -26.69 18.11 6.98
C ARG B 226 -25.66 17.47 7.92
N ALA B 227 -25.93 16.23 8.39
CA ALA B 227 -25.04 15.48 9.30
C ALA B 227 -23.72 15.10 8.64
N LYS B 228 -22.65 14.98 9.45
CA LYS B 228 -21.30 14.63 9.00
C LYS B 228 -21.22 13.17 8.53
N PRO B 229 -20.76 12.90 7.28
CA PRO B 229 -20.69 11.52 6.80
C PRO B 229 -19.40 10.81 7.22
N VAL B 230 -19.39 10.26 8.44
CA VAL B 230 -18.25 9.54 9.02
C VAL B 230 -18.29 8.05 8.64
N THR B 231 -17.32 7.26 9.13
CA THR B 231 -17.24 5.81 8.89
C THR B 231 -18.38 5.13 9.67
N GLN B 232 -19.56 5.02 9.03
CA GLN B 232 -20.78 4.47 9.61
C GLN B 232 -21.28 3.21 8.90
N ILE B 233 -21.99 2.35 9.64
CA ILE B 233 -22.57 1.11 9.12
C ILE B 233 -24.10 1.25 9.02
N VAL B 234 -24.58 1.67 7.84
CA VAL B 234 -26.01 1.85 7.56
C VAL B 234 -26.62 0.48 7.26
N SER B 235 -27.76 0.17 7.90
CA SER B 235 -28.46 -1.11 7.74
C SER B 235 -29.96 -0.99 7.54
N ALA B 236 -30.56 -2.04 6.94
CA ALA B 236 -31.99 -2.17 6.69
C ALA B 236 -32.42 -3.60 7.04
N GLU B 237 -33.46 -3.74 7.86
CA GLU B 237 -33.96 -5.04 8.33
C GLU B 237 -35.35 -5.40 7.76
N ALA B 238 -35.64 -6.71 7.71
CA ALA B 238 -36.90 -7.26 7.22
C ALA B 238 -37.24 -8.58 7.93
N TRP B 239 -38.51 -8.71 8.36
CA TRP B 239 -39.02 -9.90 9.05
C TRP B 239 -39.73 -10.86 8.11
N GLY B 240 -39.64 -12.15 8.42
CA GLY B 240 -40.28 -13.21 7.65
C GLY B 240 -41.78 -13.26 7.84
N ARG B 241 -42.52 -13.56 6.75
CA ARG B 241 -43.99 -13.63 6.79
C ARG B 241 -44.54 -14.81 5.97
N ALA B 242 -45.54 -15.50 6.54
CA ALA B 242 -46.20 -16.66 5.93
C ALA B 242 -47.30 -16.23 4.97
N LEU C 12 32.13 24.51 -3.85
CA LEU C 12 31.61 24.25 -2.51
C LEU C 12 30.56 23.11 -2.54
N ARG C 13 29.28 23.38 -2.23
CA ARG C 13 28.21 22.37 -2.21
C ARG C 13 27.20 22.59 -3.33
N LYS C 14 26.83 21.50 -4.02
CA LYS C 14 25.87 21.55 -5.13
C LYS C 14 24.72 20.55 -4.94
N LYS C 15 23.51 21.08 -4.66
CA LYS C 15 22.30 20.27 -4.47
C LYS C 15 21.77 19.77 -5.81
N SER C 16 22.03 20.52 -6.91
CA SER C 16 21.62 20.22 -8.29
C SER C 16 22.01 18.81 -8.75
N GLU C 17 23.21 18.34 -8.35
CA GLU C 17 23.69 16.99 -8.65
C GLU C 17 22.96 16.02 -7.72
N LEU C 18 21.70 15.67 -8.09
CA LEU C 18 20.78 14.80 -7.37
C LEU C 18 21.36 13.40 -7.14
N GLN C 19 21.98 12.82 -8.20
CA GLN C 19 22.61 11.49 -8.21
C GLN C 19 21.65 10.36 -7.74
N GLY C 20 20.36 10.53 -7.99
CA GLY C 20 19.33 9.58 -7.62
C GLY C 20 18.68 9.86 -6.29
N THR C 21 18.58 8.82 -5.45
CA THR C 21 17.97 8.89 -4.11
C THR C 21 18.97 9.29 -3.00
N ALA C 22 19.98 10.12 -3.35
CA ALA C 22 21.00 10.60 -2.41
C ALA C 22 20.44 11.52 -1.33
N LEU C 23 19.46 12.39 -1.69
CA LEU C 23 18.80 13.33 -0.78
C LEU C 23 18.06 12.61 0.34
N GLY C 24 17.28 11.58 -0.03
CA GLY C 24 16.51 10.76 0.89
C GLY C 24 17.36 9.96 1.85
N ASN C 25 18.47 9.39 1.32
CA ASN C 25 19.42 8.59 2.10
C ASN C 25 20.19 9.44 3.11
N LEU C 26 20.54 10.70 2.75
CA LEU C 26 21.23 11.64 3.63
C LEU C 26 20.31 12.09 4.77
N LYS C 27 18.99 12.15 4.52
CA LYS C 27 17.94 12.51 5.48
C LYS C 27 17.80 11.36 6.50
N GLN C 28 17.99 10.11 6.06
CA GLN C 28 17.92 8.92 6.91
C GLN C 28 19.15 8.84 7.82
N ILE C 29 20.31 9.33 7.34
CA ILE C 29 21.58 9.33 8.07
C ILE C 29 21.58 10.36 9.21
N TYR C 30 20.98 11.55 9.02
CA TYR C 30 21.03 12.61 10.04
C TYR C 30 19.68 12.92 10.74
N TYR C 31 18.53 12.77 10.05
CA TYR C 31 17.23 13.06 10.66
C TYR C 31 16.53 11.81 11.20
N TYR C 32 16.34 10.77 10.34
CA TYR C 32 15.69 9.51 10.73
C TYR C 32 16.72 8.46 11.11
N ASN C 33 17.63 8.80 12.05
CA ASN C 33 18.70 7.91 12.48
C ASN C 33 18.51 7.34 13.87
N GLU C 34 18.81 6.04 14.02
CA GLU C 34 18.75 5.30 15.28
C GLU C 34 20.22 5.16 15.72
N LYS C 35 20.88 6.31 16.00
CA LYS C 35 22.28 6.45 16.39
C LYS C 35 22.76 5.39 17.40
N ALA C 36 23.81 4.63 17.02
CA ALA C 36 24.39 3.58 17.85
C ALA C 36 25.15 4.17 19.03
N LYS C 37 24.54 4.11 20.23
CA LYS C 37 25.12 4.64 21.46
C LYS C 37 25.43 3.53 22.46
N THR C 38 26.72 3.42 22.85
CA THR C 38 27.23 2.43 23.80
C THR C 38 28.43 3.02 24.56
N GLU C 39 28.55 2.72 25.86
CA GLU C 39 29.63 3.22 26.70
C GLU C 39 30.59 2.11 27.17
N ASN C 40 30.06 1.09 27.86
CA ASN C 40 30.85 -0.03 28.38
C ASN C 40 30.78 -1.23 27.44
N LYS C 41 31.53 -1.17 26.32
CA LYS C 41 31.59 -2.23 25.32
C LYS C 41 33.02 -2.51 24.84
N GLU C 42 33.40 -3.81 24.81
CA GLU C 42 34.72 -4.28 24.39
C GLU C 42 34.60 -5.29 23.25
N SER C 43 35.61 -5.32 22.35
CA SER C 43 35.64 -6.22 21.20
C SER C 43 36.94 -7.04 21.12
N HIS C 44 36.89 -8.17 20.37
CA HIS C 44 38.01 -9.08 20.15
C HIS C 44 37.86 -9.85 18.81
N ASP C 45 37.43 -9.13 17.76
CA ASP C 45 37.22 -9.70 16.41
C ASP C 45 37.50 -8.66 15.33
N HIS C 50 41.34 -4.45 9.04
CA HIS C 50 41.11 -3.11 9.58
C HIS C 50 39.74 -2.95 10.25
N THR C 51 38.88 -3.99 10.16
CA THR C 51 37.53 -4.00 10.74
C THR C 51 37.48 -4.74 12.08
N ILE C 52 36.65 -4.22 13.01
CA ILE C 52 36.45 -4.82 14.34
C ILE C 52 34.97 -5.18 14.54
N LEU C 53 34.69 -6.47 14.81
CA LEU C 53 33.33 -6.99 14.99
C LEU C 53 32.90 -7.09 16.45
N PHE C 54 31.71 -6.52 16.76
CA PHE C 54 31.10 -6.54 18.09
C PHE C 54 30.00 -7.60 18.13
N LYS C 55 30.29 -8.76 18.74
CA LYS C 55 29.36 -9.88 18.85
C LYS C 55 28.21 -9.58 19.81
N GLY C 56 26.98 -9.73 19.31
CA GLY C 56 25.75 -9.50 20.06
C GLY C 56 25.55 -8.07 20.50
N PHE C 57 25.84 -7.11 19.60
CA PHE C 57 25.71 -5.67 19.87
C PHE C 57 24.24 -5.25 19.97
N PHE C 58 23.41 -5.69 19.01
CA PHE C 58 21.99 -5.37 18.97
C PHE C 58 21.17 -6.32 19.85
N THR C 59 20.51 -5.76 20.88
CA THR C 59 19.71 -6.51 21.84
C THR C 59 18.32 -6.86 21.28
N ASP C 60 17.58 -5.85 20.78
CA ASP C 60 16.25 -6.04 20.22
C ASP C 60 16.14 -5.47 18.80
N HIS C 61 16.71 -6.20 17.83
CA HIS C 61 16.70 -5.82 16.41
C HIS C 61 16.50 -7.08 15.55
N SER C 62 15.42 -7.08 14.76
CA SER C 62 15.04 -8.20 13.88
C SER C 62 15.96 -8.35 12.67
N TRP C 63 16.61 -7.25 12.24
CA TRP C 63 17.50 -7.26 11.07
C TRP C 63 18.95 -7.59 11.39
N TYR C 64 19.53 -6.95 12.42
CA TYR C 64 20.94 -7.15 12.80
C TYR C 64 21.14 -7.65 14.23
N ASN C 65 22.29 -8.30 14.48
CA ASN C 65 22.69 -8.82 15.79
C ASN C 65 24.09 -8.34 16.16
N ASP C 66 25.01 -8.27 15.17
CA ASP C 66 26.40 -7.83 15.34
C ASP C 66 26.68 -6.49 14.64
N LEU C 67 27.77 -5.81 15.04
CA LEU C 67 28.18 -4.52 14.49
C LEU C 67 29.64 -4.55 14.00
N LEU C 68 29.87 -4.04 12.77
CA LEU C 68 31.20 -3.95 12.15
C LEU C 68 31.67 -2.49 12.10
N VAL C 69 32.91 -2.24 12.57
CA VAL C 69 33.49 -0.89 12.56
C VAL C 69 34.73 -0.84 11.65
N ASP C 70 34.60 -0.14 10.51
CA ASP C 70 35.67 0.01 9.50
C ASP C 70 36.49 1.28 9.75
N PHE C 71 37.81 1.22 9.45
CA PHE C 71 38.75 2.33 9.60
C PHE C 71 39.58 2.55 8.33
N ASP C 72 40.20 3.74 8.20
CA ASP C 72 41.03 4.12 7.06
C ASP C 72 42.36 3.36 6.98
N SER C 73 43.03 3.19 8.14
CA SER C 73 44.31 2.48 8.24
C SER C 73 44.27 1.40 9.32
N LYS C 74 44.84 0.21 9.00
CA LYS C 74 44.91 -0.93 9.92
C LYS C 74 45.96 -0.73 11.03
N ASP C 75 46.96 0.14 10.77
CA ASP C 75 48.05 0.47 11.70
C ASP C 75 47.57 1.12 12.99
N ILE C 76 46.54 1.99 12.89
CA ILE C 76 45.95 2.69 14.03
C ILE C 76 44.72 1.97 14.61
N VAL C 77 44.22 0.95 13.89
CA VAL C 77 43.06 0.14 14.27
C VAL C 77 43.27 -0.68 15.54
N ASP C 78 44.53 -1.07 15.84
CA ASP C 78 44.91 -1.85 17.02
C ASP C 78 44.85 -1.04 18.33
N LYS C 79 44.77 0.30 18.23
CA LYS C 79 44.71 1.21 19.39
C LYS C 79 43.39 1.07 20.17
N TYR C 80 42.26 0.88 19.46
CA TYR C 80 40.93 0.72 20.06
C TYR C 80 40.58 -0.74 20.28
N LYS C 81 41.02 -1.61 19.36
CA LYS C 81 40.86 -3.07 19.29
C LYS C 81 40.71 -3.79 20.65
N GLY C 82 41.68 -3.58 21.55
CA GLY C 82 41.68 -4.21 22.87
C GLY C 82 41.63 -3.23 24.03
N LYS C 83 40.41 -2.82 24.43
CA LYS C 83 40.08 -1.89 25.52
C LYS C 83 38.58 -1.55 25.51
N LYS C 84 38.04 -1.02 26.63
CA LYS C 84 36.64 -0.59 26.73
C LYS C 84 36.49 0.70 25.93
N VAL C 85 35.69 0.67 24.86
CA VAL C 85 35.50 1.82 23.96
C VAL C 85 34.05 2.28 23.85
N ASP C 86 33.86 3.61 23.74
CA ASP C 86 32.57 4.28 23.60
C ASP C 86 32.21 4.39 22.12
N LEU C 87 30.99 3.94 21.76
CA LEU C 87 30.51 3.96 20.38
C LEU C 87 29.45 5.04 20.15
N TYR C 88 29.66 5.86 19.11
CA TYR C 88 28.76 6.94 18.70
C TYR C 88 28.87 7.17 17.20
N GLY C 89 27.83 6.77 16.47
CA GLY C 89 27.76 6.88 15.02
C GLY C 89 26.52 6.25 14.40
N ALA C 90 26.34 6.47 13.09
CA ALA C 90 25.20 5.93 12.34
C ALA C 90 25.57 4.64 11.60
N TYR C 91 24.79 3.56 11.83
CA TYR C 91 25.02 2.26 11.20
C TYR C 91 24.15 2.02 9.96
N TYR C 92 24.58 1.12 9.07
CA TYR C 92 23.87 0.78 7.85
C TYR C 92 23.86 -0.72 7.56
N GLY C 93 22.86 -1.17 6.80
CA GLY C 93 22.68 -2.56 6.41
C GLY C 93 22.97 -2.89 4.96
N TYR C 94 22.58 -2.00 4.03
CA TYR C 94 22.80 -2.19 2.58
C TYR C 94 24.28 -2.11 2.23
N GLN C 95 24.75 -3.10 1.43
CA GLN C 95 26.13 -3.26 0.96
C GLN C 95 27.13 -3.41 2.13
N CYS C 96 26.90 -4.44 2.96
CA CYS C 96 27.72 -4.76 4.13
C CYS C 96 28.70 -5.90 3.83
N ALA C 97 30.00 -5.66 4.08
CA ALA C 97 31.06 -6.64 3.86
C ALA C 97 31.32 -7.44 5.15
N GLY C 98 30.73 -8.63 5.22
CA GLY C 98 30.85 -9.54 6.36
C GLY C 98 31.81 -10.68 6.11
N PRO C 101 26.52 -13.12 8.92
CA PRO C 101 25.90 -13.26 7.59
C PRO C 101 24.44 -12.83 7.58
N ASN C 102 24.13 -11.80 6.74
CA ASN C 102 22.80 -11.19 6.54
C ASN C 102 22.17 -10.59 7.82
N LYS C 103 22.87 -10.69 8.98
CA LYS C 103 22.42 -10.16 10.27
C LYS C 103 23.49 -9.27 10.95
N THR C 104 24.26 -8.51 10.14
CA THR C 104 25.32 -7.62 10.62
C THR C 104 25.17 -6.21 10.01
N ALA C 105 25.37 -5.16 10.84
CA ALA C 105 25.32 -3.76 10.44
C ALA C 105 26.72 -3.14 10.44
N CYS C 106 27.04 -2.34 9.42
CA CYS C 106 28.35 -1.72 9.26
C CYS C 106 28.37 -0.25 9.70
N MET C 107 29.55 0.26 10.09
CA MET C 107 29.77 1.63 10.55
C MET C 107 31.22 2.08 10.30
N TYR C 108 31.43 3.40 10.11
CA TYR C 108 32.75 4.00 9.90
C TYR C 108 33.13 4.90 11.07
N GLY C 109 34.26 4.58 11.71
CA GLY C 109 34.81 5.32 12.84
C GLY C 109 33.90 5.46 14.04
N GLY C 110 33.93 6.64 14.67
CA GLY C 110 33.14 6.99 15.84
C GLY C 110 33.49 6.18 17.07
N VAL C 111 34.79 5.87 17.25
CA VAL C 111 35.31 5.08 18.37
C VAL C 111 36.27 5.92 19.23
N THR C 112 36.00 5.95 20.55
CA THR C 112 36.80 6.69 21.54
C THR C 112 37.06 5.82 22.77
N LEU C 113 38.24 5.97 23.39
CA LEU C 113 38.65 5.22 24.59
C LEU C 113 37.90 5.70 25.85
N HIS C 114 37.78 4.83 26.87
CA HIS C 114 37.07 5.12 28.12
C HIS C 114 37.88 5.92 29.14
N ASP C 115 39.22 5.78 29.12
CA ASP C 115 40.13 6.47 30.04
C ASP C 115 40.20 7.98 29.81
N ASN C 116 40.03 8.77 30.89
CA ASN C 116 40.06 10.24 30.95
C ASN C 116 39.02 10.95 30.04
N ASN C 117 38.13 10.19 29.36
CA ASN C 117 37.10 10.73 28.48
C ASN C 117 35.73 10.80 29.20
N ARG C 118 35.74 11.38 30.42
CA ARG C 118 34.56 11.57 31.27
C ARG C 118 34.65 12.92 31.98
N LEU C 119 33.52 13.64 32.04
CA LEU C 119 33.45 14.97 32.67
C LEU C 119 32.34 15.06 33.73
N THR C 120 32.48 16.02 34.67
CA THR C 120 31.55 16.27 35.78
C THR C 120 30.18 16.76 35.28
N GLU C 121 30.13 17.93 34.62
CA GLU C 121 28.91 18.53 34.08
C GLU C 121 28.99 18.59 32.56
N GLU C 122 27.99 18.01 31.86
CA GLU C 122 27.87 17.90 30.40
C GLU C 122 28.27 19.17 29.64
N LYS C 123 29.15 19.01 28.64
CA LYS C 123 29.67 20.10 27.81
C LYS C 123 28.59 20.67 26.87
N LYS C 124 28.45 22.00 26.87
CA LYS C 124 27.48 22.72 26.05
C LYS C 124 28.19 23.56 24.97
N VAL C 125 28.48 22.92 23.82
CA VAL C 125 29.16 23.52 22.69
C VAL C 125 28.23 24.52 21.95
N PRO C 126 28.62 25.82 21.85
CA PRO C 126 27.75 26.78 21.16
C PRO C 126 27.87 26.72 19.64
N ILE C 127 26.73 26.84 18.94
CA ILE C 127 26.67 26.81 17.49
C ILE C 127 26.28 28.16 16.89
N ASN C 128 26.97 28.57 15.82
CA ASN C 128 26.73 29.83 15.11
C ASN C 128 26.32 29.55 13.67
N LEU C 129 25.21 30.16 13.21
CA LEU C 129 24.70 29.95 11.86
C LEU C 129 24.48 31.24 11.07
N TRP C 130 24.83 31.21 9.77
CA TRP C 130 24.68 32.33 8.85
C TRP C 130 23.80 31.94 7.66
N LEU C 131 22.72 32.69 7.41
CA LEU C 131 21.80 32.45 6.30
C LEU C 131 22.00 33.56 5.26
N ASP C 132 22.94 33.33 4.32
CA ASP C 132 23.35 34.23 3.23
C ASP C 132 23.87 35.60 3.75
N GLY C 133 24.55 35.59 4.90
CA GLY C 133 25.10 36.78 5.54
C GLY C 133 24.54 37.07 6.91
N LYS C 134 23.18 37.01 7.03
CA LYS C 134 22.47 37.27 8.28
C LYS C 134 22.67 36.17 9.31
N GLN C 135 23.11 36.55 10.53
CA GLN C 135 23.36 35.64 11.64
C GLN C 135 22.09 35.27 12.40
N ASN C 136 21.91 33.97 12.69
CA ASN C 136 20.75 33.45 13.42
C ASN C 136 21.19 32.75 14.71
N THR C 137 20.48 33.04 15.82
CA THR C 137 20.75 32.48 17.14
C THR C 137 20.39 30.99 17.22
N VAL C 138 21.37 30.15 17.62
CA VAL C 138 21.20 28.69 17.74
C VAL C 138 21.39 28.29 19.22
N PRO C 139 20.42 27.55 19.84
CA PRO C 139 20.60 27.15 21.25
C PRO C 139 21.69 26.09 21.44
N LEU C 140 22.49 26.26 22.50
CA LEU C 140 23.60 25.37 22.86
C LEU C 140 23.18 24.00 23.42
N GLU C 141 21.90 23.86 23.82
CA GLU C 141 21.34 22.62 24.38
C GLU C 141 21.24 21.47 23.36
N THR C 142 21.20 21.80 22.05
CA THR C 142 21.08 20.85 20.93
C THR C 142 22.29 19.90 20.82
N VAL C 143 23.51 20.46 20.70
CA VAL C 143 24.76 19.70 20.59
C VAL C 143 25.42 19.49 21.96
N LYS C 144 25.58 18.21 22.36
CA LYS C 144 26.16 17.81 23.65
C LYS C 144 27.12 16.63 23.51
N THR C 145 28.22 16.64 24.28
CA THR C 145 29.24 15.60 24.30
C THR C 145 29.61 15.23 25.74
N ASN C 146 29.49 13.94 26.08
CA ASN C 146 29.80 13.42 27.43
C ASN C 146 31.24 12.90 27.57
N LYS C 147 32.14 13.29 26.64
CA LYS C 147 33.54 12.89 26.64
C LYS C 147 34.48 14.08 26.49
N LYS C 148 35.72 13.95 27.03
CA LYS C 148 36.75 15.00 26.95
C LYS C 148 37.25 15.13 25.51
N ASN C 149 37.65 14.01 24.89
CA ASN C 149 38.09 13.94 23.50
C ASN C 149 37.03 13.16 22.72
N VAL C 150 36.14 13.88 22.02
CA VAL C 150 35.03 13.32 21.27
C VAL C 150 35.29 13.37 19.75
N THR C 151 34.74 12.37 19.00
CA THR C 151 34.87 12.28 17.55
C THR C 151 34.04 13.33 16.82
N VAL C 152 34.42 13.66 15.57
CA VAL C 152 33.74 14.64 14.71
C VAL C 152 32.33 14.14 14.36
N GLN C 153 32.16 12.81 14.19
CA GLN C 153 30.89 12.14 13.87
C GLN C 153 29.81 12.44 14.92
N GLU C 154 30.17 12.36 16.22
CA GLU C 154 29.28 12.60 17.37
C GLU C 154 28.72 14.02 17.39
N LEU C 155 29.52 15.00 16.91
CA LEU C 155 29.15 16.41 16.86
C LEU C 155 28.39 16.75 15.57
N ASP C 156 28.77 16.12 14.44
CA ASP C 156 28.15 16.34 13.13
C ASP C 156 26.72 15.80 13.03
N LEU C 157 26.48 14.57 13.56
CA LEU C 157 25.17 13.92 13.55
C LEU C 157 24.13 14.71 14.34
N GLN C 158 24.53 15.30 15.48
CA GLN C 158 23.67 16.10 16.35
C GLN C 158 23.40 17.49 15.79
N ALA C 159 24.38 18.08 15.08
CA ALA C 159 24.27 19.42 14.48
C ALA C 159 23.39 19.41 13.23
N ARG C 160 23.55 18.40 12.36
CA ARG C 160 22.76 18.27 11.13
C ARG C 160 21.29 17.91 11.39
N ARG C 161 21.02 17.24 12.54
CA ARG C 161 19.68 16.86 12.99
C ARG C 161 18.90 18.12 13.40
N TYR C 162 19.56 19.05 14.13
CA TYR C 162 18.99 20.32 14.59
C TYR C 162 18.71 21.25 13.40
N LEU C 163 19.57 21.21 12.37
CA LEU C 163 19.43 22.01 11.15
C LEU C 163 18.22 21.55 10.34
N GLN C 164 18.12 20.23 10.09
CA GLN C 164 17.03 19.57 9.34
C GLN C 164 15.63 19.87 9.87
N GLU C 165 15.48 19.95 11.22
CA GLU C 165 14.21 20.24 11.89
C GLU C 165 13.82 21.71 11.74
N LYS C 166 14.79 22.64 11.85
CA LYS C 166 14.56 24.08 11.73
C LYS C 166 14.34 24.47 10.26
N TYR C 167 15.35 24.24 9.41
CA TYR C 167 15.30 24.52 7.97
C TYR C 167 15.63 23.24 7.23
N ASN C 168 14.60 22.64 6.58
CA ASN C 168 14.68 21.38 5.82
C ASN C 168 15.92 21.33 4.90
N LEU C 169 16.99 20.68 5.41
CA LEU C 169 18.27 20.56 4.72
C LEU C 169 18.24 19.52 3.60
N TYR C 170 17.98 18.25 3.95
CA TYR C 170 17.96 17.15 2.99
C TYR C 170 16.55 16.80 2.50
N ASN C 171 15.79 17.85 2.12
CA ASN C 171 14.45 17.77 1.55
C ASN C 171 14.50 18.40 0.16
N SER C 172 13.71 17.86 -0.78
CA SER C 172 13.64 18.37 -2.16
C SER C 172 12.98 19.77 -2.19
N ASP C 173 13.25 20.55 -3.26
CA ASP C 173 12.72 21.90 -3.50
C ASP C 173 11.20 21.98 -3.32
N VAL C 174 10.48 20.90 -3.70
CA VAL C 174 9.02 20.75 -3.59
C VAL C 174 8.63 20.71 -2.11
N PHE C 175 9.33 19.87 -1.30
CA PHE C 175 9.08 19.68 0.13
C PHE C 175 9.80 20.74 1.01
N ASP C 176 9.76 22.02 0.55
CA ASP C 176 10.30 23.23 1.18
C ASP C 176 11.76 23.11 1.66
N GLY C 177 12.66 22.93 0.69
CA GLY C 177 14.10 22.86 0.91
C GLY C 177 14.82 23.94 0.15
N LYS C 178 14.95 25.13 0.77
CA LYS C 178 15.57 26.31 0.16
C LYS C 178 17.10 26.30 0.15
N VAL C 179 17.75 25.55 1.08
CA VAL C 179 19.21 25.45 1.19
C VAL C 179 19.78 24.64 0.02
N GLN C 180 20.64 25.29 -0.80
CA GLN C 180 21.29 24.67 -1.97
C GLN C 180 22.76 24.38 -1.71
N ARG C 181 23.45 25.26 -0.95
CA ARG C 181 24.86 25.12 -0.59
C ARG C 181 25.05 25.31 0.91
N GLY C 182 25.96 24.53 1.49
CA GLY C 182 26.25 24.58 2.92
C GLY C 182 27.61 24.04 3.33
N LEU C 183 28.16 24.59 4.43
CA LEU C 183 29.46 24.21 4.99
C LEU C 183 29.41 24.20 6.53
N ILE C 184 29.95 23.13 7.15
CA ILE C 184 30.02 22.95 8.60
C ILE C 184 31.49 22.90 9.05
N VAL C 185 31.86 23.78 10.00
CA VAL C 185 33.23 23.87 10.52
C VAL C 185 33.30 23.74 12.04
N PHE C 186 34.37 23.10 12.54
CA PHE C 186 34.62 22.88 13.97
C PHE C 186 35.92 23.59 14.34
N HIS C 187 35.79 24.79 14.97
CA HIS C 187 36.83 25.75 15.40
C HIS C 187 38.20 25.20 15.81
N THR C 188 39.26 25.95 15.46
CA THR C 188 40.66 25.62 15.78
C THR C 188 40.91 25.93 17.27
N SER C 189 40.65 24.92 18.14
CA SER C 189 40.83 25.01 19.60
C SER C 189 42.24 24.58 20.02
N THR C 190 42.77 23.53 19.36
CA THR C 190 44.11 23.00 19.62
C THR C 190 44.92 22.91 18.34
N GLU C 191 44.32 22.34 17.28
CA GLU C 191 44.93 22.12 15.96
C GLU C 191 43.93 22.46 14.80
N PRO C 192 44.36 22.52 13.48
CA PRO C 192 43.44 22.92 12.39
C PRO C 192 42.02 22.32 12.39
N SER C 193 41.06 23.15 11.92
CA SER C 193 39.63 22.88 11.83
C SER C 193 39.26 21.78 10.85
N VAL C 194 38.11 21.10 11.10
CA VAL C 194 37.56 20.05 10.24
C VAL C 194 36.50 20.71 9.34
N ASN C 195 36.84 20.90 8.06
CA ASN C 195 35.96 21.52 7.07
C ASN C 195 35.23 20.48 6.22
N TYR C 196 33.89 20.56 6.19
CA TYR C 196 33.05 19.63 5.44
C TYR C 196 31.82 20.31 4.82
N ASP C 197 31.59 20.04 3.53
CA ASP C 197 30.44 20.56 2.79
C ASP C 197 29.25 19.59 2.87
N LEU C 198 28.08 20.12 3.25
CA LEU C 198 26.82 19.37 3.46
C LEU C 198 26.34 18.58 2.23
N PHE C 199 26.47 19.14 1.02
CA PHE C 199 26.04 18.49 -0.22
C PHE C 199 27.19 17.91 -1.07
N GLY C 200 28.40 17.89 -0.49
CA GLY C 200 29.59 17.37 -1.15
C GLY C 200 29.99 15.96 -0.81
N ALA C 201 29.06 15.18 -0.19
CA ALA C 201 29.31 13.79 0.18
C ALA C 201 29.17 12.89 -1.06
N GLN C 202 30.24 12.13 -1.38
CA GLN C 202 30.32 11.24 -2.54
C GLN C 202 29.42 10.02 -2.43
N GLY C 203 28.82 9.63 -3.54
CA GLY C 203 27.93 8.48 -3.64
C GLY C 203 26.49 8.81 -3.29
N GLN C 204 25.58 7.82 -3.47
CA GLN C 204 24.15 7.98 -3.19
C GLN C 204 23.65 7.08 -2.04
N TYR C 205 24.40 6.01 -1.71
CA TYR C 205 24.06 5.09 -0.62
C TYR C 205 24.89 5.35 0.62
N SER C 206 24.38 4.90 1.80
CA SER C 206 24.99 5.07 3.12
C SER C 206 26.44 4.60 3.25
N ASN C 207 26.84 3.53 2.51
CA ASN C 207 28.21 2.99 2.54
C ASN C 207 29.27 3.95 1.96
N THR C 208 28.84 4.92 1.14
CA THR C 208 29.71 5.92 0.52
C THR C 208 29.54 7.31 1.16
N LEU C 209 28.31 7.64 1.59
CA LEU C 209 27.96 8.92 2.22
C LEU C 209 28.57 9.07 3.62
N LEU C 210 28.67 7.96 4.38
CA LEU C 210 29.22 7.94 5.74
C LEU C 210 30.72 7.59 5.78
N ARG C 211 31.37 7.49 4.60
CA ARG C 211 32.78 7.14 4.45
C ARG C 211 33.75 8.25 4.90
N ILE C 212 33.23 9.46 5.20
CA ILE C 212 34.00 10.63 5.66
C ILE C 212 34.63 10.38 7.04
N TYR C 213 33.99 9.54 7.87
CA TYR C 213 34.43 9.21 9.23
C TYR C 213 35.41 8.01 9.31
N ARG C 214 35.99 7.59 8.15
CA ARG C 214 36.95 6.47 8.07
C ARG C 214 38.26 6.78 8.81
N ASP C 215 38.71 8.05 8.75
CA ASP C 215 39.95 8.53 9.39
C ASP C 215 39.91 8.48 10.92
N ASN C 216 38.70 8.48 11.53
CA ASN C 216 38.44 8.44 12.97
C ASN C 216 39.09 9.62 13.71
N LYS C 217 38.68 10.85 13.32
CA LYS C 217 39.21 12.09 13.87
C LYS C 217 38.58 12.41 15.23
N THR C 218 39.41 12.36 16.29
CA THR C 218 39.01 12.65 17.67
C THR C 218 39.64 13.98 18.10
N ILE C 219 38.79 15.00 18.32
CA ILE C 219 39.24 16.35 18.69
C ILE C 219 38.83 16.73 20.15
N ASN C 220 39.56 17.66 20.76
CA ASN C 220 39.32 18.15 22.13
C ASN C 220 38.03 18.98 22.20
N SER C 221 37.16 18.65 23.17
CA SER C 221 35.87 19.33 23.39
C SER C 221 35.94 20.46 24.43
N GLU C 222 37.16 20.90 24.80
CA GLU C 222 37.37 21.96 25.77
C GLU C 222 37.21 23.36 25.15
N ASN C 223 36.11 24.04 25.52
CA ASN C 223 35.71 25.40 25.11
C ASN C 223 35.76 25.64 23.57
N MET C 224 35.30 24.64 22.78
CA MET C 224 35.25 24.71 21.32
C MET C 224 33.84 25.10 20.83
N HIS C 225 33.74 25.64 19.60
CA HIS C 225 32.48 26.05 19.01
C HIS C 225 32.33 25.62 17.53
N ILE C 226 31.08 25.57 17.04
CA ILE C 226 30.78 25.17 15.67
C ILE C 226 30.20 26.33 14.85
N ASP C 227 30.70 26.50 13.62
CA ASP C 227 30.26 27.55 12.70
C ASP C 227 29.69 26.93 11.42
N ILE C 228 28.39 27.14 11.17
CA ILE C 228 27.68 26.62 10.00
C ILE C 228 27.34 27.76 9.04
N TYR C 229 27.68 27.60 7.75
CA TYR C 229 27.41 28.60 6.71
C TYR C 229 26.37 28.07 5.72
N LEU C 230 25.16 28.63 5.76
CA LEU C 230 24.04 28.22 4.90
C LEU C 230 23.77 29.23 3.78
N TYR C 231 23.54 28.72 2.55
CA TYR C 231 23.29 29.55 1.37
C TYR C 231 22.07 29.04 0.58
N THR C 232 21.15 29.95 0.23
CA THR C 232 19.92 29.65 -0.51
C THR C 232 20.14 29.51 -2.03
N SER C 233 21.30 29.96 -2.54
CA SER C 233 21.66 29.89 -3.96
C SER C 233 23.10 29.46 -4.16
#